data_8KHL
#
_entry.id   8KHL
#
_cell.length_a   96.107
_cell.length_b   79.067
_cell.length_c   121.783
_cell.angle_alpha   90.000
_cell.angle_beta   102.089
_cell.angle_gamma   90.000
#
_symmetry.space_group_name_H-M   'I 1 2 1'
#
loop_
_entity.id
_entity.type
_entity.pdbx_description
1 polymer 'Probable acyl-CoA lyase beta chain'
2 non-polymer 'COENZYME A'
3 water water
#
_entity_poly.entity_id   1
_entity_poly.type   'polypeptide(L)'
_entity_poly.pdbx_seq_one_letter_code
;MNRQIVRSALFVPATRPERIPKALASGADRVIVDLEDAVEEGLKVEARANLRRFLVDTPEARVLVRINAAEHPGHADDLA
LCRDHAGVIGLLLPKVESAAQVRHAAVASGKPVWPIVESARGLAALGEIAAAAGVERLSFGSLDLALDLDLNSGSNAAEQ
ILGHARYALLLQTRLAGLAPPLDGVYPAIQNRAGLVEAVRFARDMGFGGLLCIHPSQVEPIHQTLMPSPAELEWARRVAE
AGASGAGVFVVDGEMVDAPVLGRARRLLERAGEGG
;
_entity_poly.pdbx_strand_id   A,B,C
#
# COMPACT_ATOMS: atom_id res chain seq x y z
N MET A 1 20.26 -21.43 11.50
CA MET A 1 19.53 -20.17 11.41
C MET A 1 18.25 -20.26 12.21
N ASN A 2 18.07 -19.26 13.10
CA ASN A 2 16.91 -19.24 14.03
C ASN A 2 15.64 -18.80 13.34
N ARG A 3 14.57 -19.58 13.49
CA ARG A 3 13.25 -19.22 12.88
C ARG A 3 12.20 -19.20 14.00
N GLN A 4 12.64 -19.07 15.25
CA GLN A 4 11.71 -18.90 16.37
C GLN A 4 11.23 -17.45 16.45
N ILE A 5 10.16 -17.23 17.21
CA ILE A 5 9.60 -15.86 17.39
C ILE A 5 10.40 -15.10 18.44
N VAL A 6 10.71 -13.84 18.17
CA VAL A 6 11.30 -12.95 19.22
C VAL A 6 10.22 -11.91 19.53
N ARG A 7 9.65 -11.97 20.73
CA ARG A 7 8.57 -11.07 21.11
C ARG A 7 9.06 -9.67 21.38
N SER A 8 10.30 -9.53 21.86
CA SER A 8 10.78 -8.26 22.35
C SER A 8 12.28 -8.20 22.18
N ALA A 9 12.76 -7.07 21.66
CA ALA A 9 14.18 -6.81 21.50
C ALA A 9 14.42 -5.44 22.12
N LEU A 10 15.06 -5.44 23.28
CA LEU A 10 15.15 -4.27 24.14
C LEU A 10 16.49 -3.59 23.93
N PHE A 11 16.45 -2.35 23.44
CA PHE A 11 17.65 -1.54 23.27
C PHE A 11 18.21 -1.09 24.62
N VAL A 12 19.53 -1.00 24.68
CA VAL A 12 20.18 -0.33 25.80
C VAL A 12 21.51 0.18 25.23
N PRO A 13 21.91 1.43 25.51
CA PRO A 13 23.15 1.92 24.91
C PRO A 13 24.37 1.47 25.69
N ALA A 14 25.45 1.18 24.97
CA ALA A 14 26.67 0.71 25.60
C ALA A 14 27.34 1.77 26.45
N THR A 15 26.83 3.00 26.43
CA THR A 15 27.29 4.04 27.33
C THR A 15 26.80 3.84 28.77
N ARG A 16 25.83 2.95 28.98
CA ARG A 16 25.23 2.71 30.29
C ARG A 16 25.40 1.23 30.60
N PRO A 17 26.64 0.78 30.83
CA PRO A 17 26.88 -0.66 31.01
C PRO A 17 26.20 -1.23 32.23
N GLU A 18 25.99 -0.39 33.25
CA GLU A 18 25.23 -0.82 34.42
C GLU A 18 23.80 -1.17 34.07
N ARG A 19 23.27 -0.65 32.97
CA ARG A 19 21.90 -0.95 32.57
C ARG A 19 21.78 -2.23 31.75
N ILE A 20 22.89 -2.75 31.20
CA ILE A 20 22.80 -3.99 30.43
C ILE A 20 22.27 -5.12 31.29
N PRO A 21 22.71 -5.32 32.54
CA PRO A 21 22.08 -6.38 33.35
C PRO A 21 20.60 -6.11 33.60
N LYS A 22 20.22 -4.86 33.83
CA LYS A 22 18.80 -4.55 34.00
C LYS A 22 18.00 -4.93 32.75
N ALA A 23 18.58 -4.72 31.57
CA ALA A 23 17.89 -5.07 30.34
C ALA A 23 17.69 -6.57 30.25
N LEU A 24 18.71 -7.36 30.59
CA LEU A 24 18.56 -8.82 30.55
C LEU A 24 17.63 -9.32 31.65
N ALA A 25 17.63 -8.69 32.83
CA ALA A 25 16.79 -9.17 33.91
C ALA A 25 15.32 -8.93 33.66
N SER A 26 14.99 -8.07 32.67
CA SER A 26 13.62 -7.69 32.32
C SER A 26 12.82 -8.80 31.65
N GLY A 27 13.44 -9.87 31.20
CA GLY A 27 12.69 -10.90 30.53
C GLY A 27 12.51 -10.73 29.04
N ALA A 28 13.02 -9.65 28.47
CA ALA A 28 13.00 -9.50 27.01
C ALA A 28 13.58 -10.74 26.36
N ASP A 29 12.98 -11.14 25.23
CA ASP A 29 13.52 -12.27 24.48
C ASP A 29 14.93 -11.95 23.96
N ARG A 30 15.20 -10.68 23.67
CA ARG A 30 16.51 -10.26 23.21
C ARG A 30 16.83 -8.90 23.80
N VAL A 31 18.11 -8.70 24.12
CA VAL A 31 18.67 -7.39 24.45
C VAL A 31 19.58 -6.97 23.30
N ILE A 32 19.43 -5.71 22.87
CA ILE A 32 20.25 -5.08 21.83
C ILE A 32 21.12 -4.05 22.53
N VAL A 33 22.44 -4.26 22.52
CA VAL A 33 23.33 -3.25 23.04
C VAL A 33 23.74 -2.36 21.88
N ASP A 34 23.48 -1.06 22.01
CA ASP A 34 23.68 -0.14 20.89
C ASP A 34 25.05 0.50 20.97
N LEU A 35 25.77 0.46 19.84
CA LEU A 35 27.00 1.19 19.63
C LEU A 35 26.82 2.31 18.61
N GLU A 36 25.62 2.41 18.01
CA GLU A 36 25.39 3.28 16.86
C GLU A 36 24.72 4.57 17.30
N ASP A 37 23.50 4.84 16.82
CA ASP A 37 22.93 6.19 16.95
C ASP A 37 22.56 6.60 18.38
N ALA A 38 22.42 5.67 19.35
CA ALA A 38 22.19 6.16 20.72
C ALA A 38 23.47 6.62 21.41
N VAL A 39 24.63 6.37 20.81
CA VAL A 39 25.96 6.68 21.41
C VAL A 39 26.62 7.85 20.65
N GLU A 40 26.91 8.91 21.37
CA GLU A 40 27.56 10.10 20.77
C GLU A 40 28.93 9.72 20.20
N GLU A 41 29.30 10.32 19.08
CA GLU A 41 30.55 9.96 18.41
C GLU A 41 31.69 9.89 19.42
N GLY A 42 31.78 10.91 20.27
CA GLY A 42 32.91 10.94 21.18
C GLY A 42 32.95 9.80 22.17
N LEU A 43 31.83 9.11 22.40
CA LEU A 43 31.75 8.05 23.39
C LEU A 43 31.83 6.65 22.79
N LYS A 44 31.92 6.52 21.47
CA LYS A 44 31.77 5.22 20.83
C LYS A 44 32.92 4.29 21.16
N VAL A 45 34.14 4.81 21.30
CA VAL A 45 35.29 3.94 21.57
C VAL A 45 35.21 3.37 22.98
N GLU A 46 34.98 4.22 23.97
CA GLU A 46 34.77 3.78 25.34
C GLU A 46 33.57 2.86 25.43
N ALA A 47 32.48 3.18 24.72
CA ALA A 47 31.28 2.35 24.78
C ALA A 47 31.58 0.95 24.28
N ARG A 48 32.34 0.82 23.19
CA ARG A 48 32.72 -0.50 22.71
C ARG A 48 33.47 -1.28 23.78
N ALA A 49 34.36 -0.62 24.51
CA ALA A 49 35.10 -1.27 25.59
C ALA A 49 34.18 -1.63 26.75
N ASN A 50 33.20 -0.78 27.06
CA ASN A 50 32.18 -1.13 28.05
C ASN A 50 31.48 -2.42 27.66
N LEU A 51 31.08 -2.52 26.39
CA LEU A 51 30.44 -3.75 25.92
C LEU A 51 31.42 -4.90 26.01
N ARG A 52 32.70 -4.66 25.71
CA ARG A 52 33.70 -5.70 25.81
C ARG A 52 33.83 -6.29 27.22
N ARG A 53 33.95 -5.46 28.29
CA ARG A 53 33.99 -6.07 29.63
C ARG A 53 32.76 -6.86 29.89
N PHE A 54 31.59 -6.30 29.54
CA PHE A 54 30.33 -6.92 29.93
C PHE A 54 30.30 -8.36 29.42
N LEU A 55 30.66 -8.56 28.15
CA LEU A 55 30.66 -9.91 27.58
C LEU A 55 31.71 -10.78 28.28
N VAL A 56 32.91 -10.21 28.52
CA VAL A 56 34.00 -10.94 29.18
C VAL A 56 33.58 -11.38 30.59
N ASP A 57 32.97 -10.45 31.35
CA ASP A 57 32.56 -10.67 32.74
C ASP A 57 31.28 -11.48 32.86
N THR A 58 30.54 -11.65 31.78
CA THR A 58 29.21 -12.27 31.79
C THR A 58 29.11 -13.23 30.63
N PRO A 59 29.89 -14.31 30.65
CA PRO A 59 30.02 -15.15 29.45
C PRO A 59 28.75 -15.88 29.07
N GLU A 60 27.83 -16.10 30.01
CA GLU A 60 26.55 -16.76 29.73
C GLU A 60 25.53 -15.81 29.11
N ALA A 61 25.82 -14.50 29.06
CA ALA A 61 24.90 -13.53 28.49
C ALA A 61 24.90 -13.65 26.97
N ARG A 62 23.72 -13.53 26.37
CA ARG A 62 23.58 -13.57 24.92
C ARG A 62 22.82 -12.33 24.47
N VAL A 63 23.44 -11.54 23.60
CA VAL A 63 22.92 -10.23 23.22
C VAL A 63 23.10 -10.01 21.72
N LEU A 64 22.27 -9.12 21.18
CA LEU A 64 22.45 -8.56 19.87
C LEU A 64 23.17 -7.23 20.02
N VAL A 65 23.89 -6.83 18.97
CA VAL A 65 24.64 -5.58 18.97
C VAL A 65 24.22 -4.79 17.74
N ARG A 66 23.84 -3.52 17.95
CA ARG A 66 23.62 -2.64 16.80
C ARG A 66 24.95 -1.96 16.50
N ILE A 67 25.54 -2.27 15.34
CA ILE A 67 26.87 -1.77 15.00
C ILE A 67 26.74 -0.47 14.20
N ASN A 68 27.84 0.26 14.14
CA ASN A 68 27.98 1.36 13.22
C ASN A 68 28.15 0.80 11.80
N ALA A 69 27.51 1.44 10.83
CA ALA A 69 27.49 0.89 9.48
C ALA A 69 28.80 1.19 8.79
N ALA A 70 28.88 0.78 7.52
CA ALA A 70 30.17 0.70 6.86
C ALA A 70 30.90 2.03 6.71
N GLU A 71 30.26 3.23 6.64
CA GLU A 71 31.38 4.14 6.41
C GLU A 71 31.89 4.74 7.73
N HIS A 72 31.33 4.36 8.86
CA HIS A 72 31.82 4.91 10.09
C HIS A 72 33.17 4.25 10.39
N PRO A 73 34.17 5.02 10.82
CA PRO A 73 35.52 4.47 11.00
C PRO A 73 35.62 3.34 12.01
N GLY A 74 34.69 3.23 12.94
CA GLY A 74 34.70 2.15 13.93
C GLY A 74 34.04 0.87 13.46
N HIS A 75 33.61 0.82 12.20
CA HIS A 75 32.89 -0.33 11.66
C HIS A 75 33.62 -1.65 11.90
N ALA A 76 34.89 -1.74 11.47
CA ALA A 76 35.62 -2.99 11.60
C ALA A 76 35.79 -3.39 13.06
N ASP A 77 36.02 -2.41 13.94
CA ASP A 77 36.12 -2.66 15.38
C ASP A 77 34.80 -3.17 15.95
N ASP A 78 33.68 -2.65 15.47
CA ASP A 78 32.38 -3.19 15.86
C ASP A 78 32.25 -4.63 15.38
N LEU A 79 32.64 -4.91 14.14
CA LEU A 79 32.49 -6.28 13.64
C LEU A 79 33.40 -7.23 14.40
N ALA A 80 34.62 -6.81 14.74
CA ALA A 80 35.52 -7.69 15.48
C ALA A 80 34.96 -8.04 16.84
N LEU A 81 34.34 -7.07 17.50
CA LEU A 81 33.72 -7.36 18.79
C LEU A 81 32.61 -8.40 18.62
N CYS A 82 31.77 -8.25 17.59
CA CYS A 82 30.71 -9.22 17.32
C CYS A 82 31.29 -10.60 17.03
N ARG A 83 32.35 -10.63 16.23
CA ARG A 83 32.98 -11.88 15.82
C ARG A 83 33.60 -12.63 17.00
N ASP A 84 34.17 -11.91 17.97
CA ASP A 84 35.09 -12.53 18.92
C ASP A 84 34.48 -12.90 20.28
N HIS A 85 33.19 -12.67 20.53
CA HIS A 85 32.58 -12.99 21.81
C HIS A 85 31.36 -13.88 21.58
N ALA A 86 31.36 -15.07 22.19
CA ALA A 86 30.26 -15.99 21.98
C ALA A 86 28.92 -15.39 22.44
N GLY A 87 28.96 -14.40 23.35
CA GLY A 87 27.73 -13.78 23.80
C GLY A 87 27.03 -12.97 22.73
N VAL A 88 27.71 -12.62 21.64
CA VAL A 88 27.08 -11.90 20.55
C VAL A 88 26.49 -12.93 19.60
N ILE A 89 25.16 -13.00 19.55
CA ILE A 89 24.47 -13.99 18.76
C ILE A 89 23.89 -13.42 17.47
N GLY A 90 24.07 -12.13 17.22
CA GLY A 90 23.59 -11.49 16.02
C GLY A 90 23.85 -10.02 16.11
N LEU A 91 23.73 -9.35 14.97
CA LEU A 91 23.90 -7.92 14.97
C LEU A 91 22.78 -7.26 14.18
N LEU A 92 22.42 -6.05 14.63
CA LEU A 92 21.52 -5.19 13.88
C LEU A 92 22.37 -4.35 12.94
N LEU A 93 22.04 -4.39 11.65
CA LEU A 93 22.76 -3.59 10.67
C LEU A 93 21.91 -2.38 10.35
N PRO A 94 22.26 -1.19 10.85
CA PRO A 94 21.46 0.00 10.58
C PRO A 94 21.75 0.53 9.19
N LYS A 95 20.83 1.37 8.72
CA LYS A 95 20.98 2.11 7.47
C LYS A 95 21.26 1.18 6.28
N VAL A 96 20.64 0.00 6.28
CA VAL A 96 20.93 -1.03 5.29
C VAL A 96 20.29 -0.66 3.96
N GLU A 97 21.07 -0.68 2.89
CA GLU A 97 20.53 -0.28 1.60
C GLU A 97 20.91 -1.23 0.48
N SER A 98 21.51 -2.38 0.80
CA SER A 98 21.96 -3.30 -0.25
C SER A 98 22.22 -4.68 0.36
N ALA A 99 22.08 -5.71 -0.48
CA ALA A 99 22.44 -7.07 -0.07
C ALA A 99 23.92 -7.15 0.27
N ALA A 100 24.78 -6.42 -0.46
CA ALA A 100 26.21 -6.46 -0.21
C ALA A 100 26.54 -5.97 1.20
N GLN A 101 25.83 -4.93 1.66
CA GLN A 101 26.08 -4.48 3.03
C GLN A 101 25.77 -5.57 4.03
N VAL A 102 24.70 -6.34 3.78
CA VAL A 102 24.37 -7.46 4.65
C VAL A 102 25.45 -8.55 4.57
N ARG A 103 25.85 -8.93 3.35
CA ARG A 103 26.80 -10.03 3.17
C ARG A 103 28.12 -9.71 3.87
N HIS A 104 28.59 -8.47 3.71
CA HIS A 104 29.87 -8.10 4.29
C HIS A 104 29.82 -8.05 5.82
N ALA A 105 28.73 -7.50 6.40
CA ALA A 105 28.58 -7.54 7.85
C ALA A 105 28.42 -8.98 8.36
N ALA A 106 27.76 -9.84 7.58
CA ALA A 106 27.58 -11.23 7.98
C ALA A 106 28.90 -12.00 7.98
N VAL A 107 29.64 -11.96 6.87
CA VAL A 107 30.88 -12.73 6.80
C VAL A 107 31.91 -12.21 7.79
N ALA A 108 32.04 -10.88 7.91
CA ALA A 108 33.08 -10.33 8.78
C ALA A 108 32.84 -10.73 10.22
N SER A 109 31.59 -10.66 10.69
CA SER A 109 31.26 -11.05 12.05
C SER A 109 31.04 -12.56 12.19
N GLY A 110 30.64 -13.24 11.10
CA GLY A 110 30.24 -14.62 11.26
C GLY A 110 29.02 -14.83 12.13
N LYS A 111 28.15 -13.85 12.25
CA LYS A 111 26.97 -13.88 13.10
C LYS A 111 25.76 -13.51 12.29
N PRO A 112 24.57 -13.94 12.71
CA PRO A 112 23.34 -13.58 11.99
C PRO A 112 23.09 -12.07 11.99
N VAL A 113 22.52 -11.57 10.88
CA VAL A 113 22.26 -10.15 10.71
C VAL A 113 20.77 -9.87 10.80
N TRP A 114 20.40 -8.84 11.56
CA TRP A 114 19.07 -8.26 11.50
C TRP A 114 19.18 -6.97 10.72
N PRO A 115 18.85 -6.96 9.44
CA PRO A 115 18.77 -5.68 8.71
C PRO A 115 17.67 -4.80 9.26
N ILE A 116 18.00 -3.55 9.56
CA ILE A 116 17.04 -2.57 10.04
C ILE A 116 16.80 -1.54 8.94
N VAL A 117 15.59 -1.53 8.40
CA VAL A 117 15.22 -0.58 7.35
C VAL A 117 14.90 0.78 7.98
N GLU A 118 15.65 1.81 7.59
CA GLU A 118 15.38 3.13 8.10
C GLU A 118 15.33 4.20 7.03
N SER A 119 15.30 3.81 5.75
CA SER A 119 15.30 4.79 4.67
C SER A 119 14.55 4.27 3.46
N ALA A 120 14.15 5.22 2.62
CA ALA A 120 13.48 4.90 1.35
C ALA A 120 14.35 4.00 0.47
N ARG A 121 15.66 4.23 0.43
CA ARG A 121 16.52 3.35 -0.36
C ARG A 121 16.48 1.92 0.14
N GLY A 122 16.55 1.74 1.46
CA GLY A 122 16.44 0.41 2.03
C GLY A 122 15.14 -0.27 1.66
N LEU A 123 14.04 0.48 1.64
CA LEU A 123 12.76 -0.11 1.25
C LEU A 123 12.78 -0.55 -0.20
N ALA A 124 13.27 0.32 -1.08
CA ALA A 124 13.26 0.01 -2.50
C ALA A 124 14.11 -1.22 -2.81
N ALA A 125 15.13 -1.48 -2.01
CA ALA A 125 16.01 -2.61 -2.21
C ALA A 125 15.71 -3.78 -1.29
N LEU A 126 14.52 -3.79 -0.65
CA LEU A 126 14.26 -4.77 0.40
C LEU A 126 14.20 -6.20 -0.13
N GLY A 127 13.74 -6.39 -1.38
CA GLY A 127 13.80 -7.71 -1.97
C GLY A 127 15.18 -8.32 -1.90
N GLU A 128 16.18 -7.54 -2.34
CA GLU A 128 17.56 -8.00 -2.34
C GLU A 128 18.11 -8.11 -0.92
N ILE A 129 17.76 -7.16 -0.06
CA ILE A 129 18.28 -7.15 1.30
C ILE A 129 17.84 -8.38 2.07
N ALA A 130 16.53 -8.71 1.99
CA ALA A 130 15.99 -9.85 2.73
C ALA A 130 16.51 -11.18 2.23
N ALA A 131 16.76 -11.28 0.92
CA ALA A 131 17.21 -12.52 0.32
C ALA A 131 18.70 -12.74 0.52
N ALA A 132 19.40 -11.83 1.18
CA ALA A 132 20.85 -11.87 1.30
C ALA A 132 21.32 -12.91 2.32
N ALA A 133 22.48 -13.48 2.03
CA ALA A 133 23.08 -14.50 2.89
C ALA A 133 23.42 -13.88 4.24
N GLY A 134 22.99 -14.53 5.32
CA GLY A 134 23.18 -14.05 6.67
C GLY A 134 21.95 -13.46 7.35
N VAL A 135 20.86 -13.26 6.63
CA VAL A 135 19.70 -12.59 7.24
C VAL A 135 18.91 -13.56 8.09
N GLU A 136 18.67 -13.18 9.34
CA GLU A 136 17.78 -13.93 10.22
C GLU A 136 16.35 -13.41 10.14
N ARG A 137 16.18 -12.10 10.29
CA ARG A 137 14.84 -11.51 10.27
C ARG A 137 15.00 -10.01 10.04
N LEU A 138 13.88 -9.37 9.75
CA LEU A 138 13.84 -7.95 9.51
C LEU A 138 13.16 -7.18 10.64
N SER A 139 13.59 -5.95 10.81
CA SER A 139 12.84 -4.98 11.58
C SER A 139 13.08 -3.63 10.91
N PHE A 140 12.35 -2.60 11.32
CA PHE A 140 12.63 -1.29 10.75
C PHE A 140 12.74 -0.24 11.85
N GLY A 141 13.36 0.87 11.50
CA GLY A 141 13.40 2.06 12.33
C GLY A 141 12.30 3.03 11.98
N SER A 142 11.15 2.96 12.66
CA SER A 142 10.00 3.77 12.25
C SER A 142 10.31 5.25 12.34
N LEU A 143 11.01 5.69 13.38
CA LEU A 143 11.38 7.09 13.49
C LEU A 143 12.37 7.50 12.40
N ASP A 144 13.29 6.61 12.02
CA ASP A 144 14.22 6.93 10.93
C ASP A 144 13.49 7.11 9.61
N LEU A 145 12.55 6.22 9.32
CA LEU A 145 11.75 6.36 8.12
C LEU A 145 10.96 7.67 8.13
N ALA A 146 10.47 8.07 9.31
CA ALA A 146 9.75 9.34 9.41
C ALA A 146 10.66 10.52 9.08
N LEU A 147 11.94 10.44 9.47
CA LEU A 147 12.88 11.49 9.08
C LEU A 147 13.13 11.45 7.58
N ASP A 148 13.43 10.25 7.06
CA ASP A 148 13.82 10.13 5.65
C ASP A 148 12.68 10.49 4.70
N LEU A 149 11.44 10.20 5.08
CA LEU A 149 10.30 10.52 4.24
C LEU A 149 9.55 11.76 4.74
N ASP A 150 10.10 12.48 5.74
CA ASP A 150 9.54 13.76 6.16
C ASP A 150 8.12 13.60 6.69
N LEU A 151 7.91 12.58 7.52
CA LEU A 151 6.59 12.28 8.06
C LEU A 151 6.40 12.94 9.43
N ASN A 152 5.14 13.28 9.73
CA ASN A 152 4.76 13.82 11.04
C ASN A 152 4.48 12.64 11.96
N SER A 153 5.54 12.19 12.64
CA SER A 153 5.47 10.99 13.47
C SER A 153 4.28 11.04 14.40
N GLY A 154 3.53 9.95 14.45
CA GLY A 154 2.38 9.84 15.30
C GLY A 154 1.06 10.19 14.65
N SER A 155 1.07 10.88 13.51
CA SER A 155 -0.17 11.24 12.84
C SER A 155 -0.75 10.05 12.08
N ASN A 156 -2.04 10.13 11.76
CA ASN A 156 -2.68 9.05 11.01
C ASN A 156 -2.06 8.91 9.62
N ALA A 157 -1.70 10.03 8.99
CA ALA A 157 -1.10 9.96 7.66
C ALA A 157 0.27 9.30 7.72
N ALA A 158 1.06 9.63 8.72
CA ALA A 158 2.36 9.00 8.88
C ALA A 158 2.21 7.49 9.07
N GLU A 159 1.27 7.07 9.92
CA GLU A 159 1.08 5.64 10.12
C GLU A 159 0.59 4.96 8.85
N GLN A 160 -0.15 5.68 8.01
CA GLN A 160 -0.51 5.12 6.72
C GLN A 160 0.72 4.91 5.84
N ILE A 161 1.67 5.85 5.85
CA ILE A 161 2.92 5.65 5.10
C ILE A 161 3.75 4.52 5.69
N LEU A 162 3.89 4.50 7.02
CA LEU A 162 4.64 3.42 7.64
C LEU A 162 3.97 2.08 7.38
N GLY A 163 2.64 2.06 7.21
CA GLY A 163 1.97 0.83 6.86
C GLY A 163 2.51 0.21 5.58
N HIS A 164 2.93 1.03 4.63
CA HIS A 164 3.53 0.49 3.41
C HIS A 164 4.89 -0.14 3.70
N ALA A 165 5.67 0.41 4.61
CA ALA A 165 6.94 -0.23 4.94
C ALA A 165 6.71 -1.52 5.75
N ARG A 166 5.72 -1.51 6.64
CA ARG A 166 5.41 -2.74 7.36
C ARG A 166 5.01 -3.85 6.40
N TYR A 167 4.16 -3.54 5.41
CA TYR A 167 3.76 -4.52 4.44
C TYR A 167 4.97 -5.12 3.74
N ALA A 168 5.92 -4.25 3.36
CA ALA A 168 7.13 -4.70 2.64
C ALA A 168 7.95 -5.66 3.50
N LEU A 169 8.14 -5.33 4.77
CA LEU A 169 8.86 -6.25 5.66
C LEU A 169 8.14 -7.59 5.74
N LEU A 170 6.81 -7.56 5.84
CA LEU A 170 6.02 -8.79 5.96
C LEU A 170 6.00 -9.59 4.65
N LEU A 171 5.85 -8.90 3.53
CA LEU A 171 5.90 -9.57 2.24
C LEU A 171 7.23 -10.29 2.07
N GLN A 172 8.34 -9.55 2.21
CA GLN A 172 9.67 -10.12 1.98
C GLN A 172 10.05 -11.14 3.05
N THR A 173 9.55 -11.00 4.28
CA THR A 173 9.76 -12.05 5.28
C THR A 173 9.33 -13.43 4.75
N ARG A 174 8.13 -13.49 4.15
CA ARG A 174 7.60 -14.75 3.64
C ARG A 174 8.30 -15.18 2.35
N LEU A 175 8.67 -14.23 1.49
CA LEU A 175 9.29 -14.60 0.22
C LEU A 175 10.68 -15.18 0.44
N ALA A 176 11.46 -14.57 1.32
CA ALA A 176 12.80 -15.04 1.62
C ALA A 176 12.83 -16.11 2.72
N GLY A 177 11.68 -16.50 3.27
CA GLY A 177 11.67 -17.56 4.26
C GLY A 177 12.38 -17.21 5.56
N LEU A 178 12.22 -15.98 6.02
CA LEU A 178 12.90 -15.51 7.21
C LEU A 178 12.09 -15.83 8.47
N ALA A 179 12.71 -15.59 9.63
CA ALA A 179 12.03 -15.67 10.92
C ALA A 179 11.07 -14.48 11.08
N PRO A 180 10.12 -14.56 12.02
CA PRO A 180 9.14 -13.48 12.17
C PRO A 180 9.82 -12.14 12.40
N PRO A 181 9.42 -11.12 11.68
CA PRO A 181 10.02 -9.80 11.83
C PRO A 181 9.48 -9.11 13.07
N LEU A 182 10.13 -8.02 13.45
CA LEU A 182 9.71 -7.22 14.59
C LEU A 182 9.23 -5.86 14.08
N ASP A 183 8.08 -5.41 14.59
CA ASP A 183 7.62 -4.07 14.28
C ASP A 183 8.54 -3.05 14.97
N GLY A 184 8.36 -1.77 14.61
CA GLY A 184 9.26 -0.73 15.08
C GLY A 184 9.03 -0.35 16.53
N VAL A 185 9.88 0.55 17.04
CA VAL A 185 9.81 0.99 18.44
C VAL A 185 8.57 1.84 18.67
N TYR A 186 7.93 1.64 19.82
CA TYR A 186 6.86 2.50 20.30
C TYR A 186 7.48 3.41 21.35
N PRO A 187 7.63 4.71 21.10
CA PRO A 187 8.49 5.53 21.94
C PRO A 187 7.86 6.09 23.21
N ALA A 188 6.53 6.08 23.34
CA ALA A 188 5.85 6.71 24.49
C ALA A 188 5.95 5.74 25.66
N ILE A 189 7.00 5.92 26.46
CA ILE A 189 7.50 4.86 27.33
C ILE A 189 6.43 4.35 28.30
N GLN A 190 5.74 5.24 28.99
CA GLN A 190 4.83 4.85 30.06
C GLN A 190 3.38 4.67 29.61
N ASN A 191 3.08 4.98 28.35
CA ASN A 191 1.72 4.84 27.84
C ASN A 191 1.49 3.37 27.51
N ARG A 192 1.12 2.61 28.54
CA ARG A 192 0.85 1.19 28.34
C ARG A 192 -0.32 0.96 27.39
N ALA A 193 -1.39 1.74 27.53
CA ALA A 193 -2.55 1.55 26.66
C ALA A 193 -2.20 1.72 25.20
N GLY A 194 -1.42 2.77 24.88
CA GLY A 194 -0.94 2.97 23.51
C GLY A 194 0.05 1.91 23.05
N LEU A 195 0.96 1.49 23.93
CA LEU A 195 1.87 0.41 23.59
C LEU A 195 1.09 -0.86 23.31
N VAL A 196 0.12 -1.17 24.18
CA VAL A 196 -0.72 -2.34 23.97
C VAL A 196 -1.38 -2.27 22.59
N GLU A 197 -1.82 -1.09 22.17
CA GLU A 197 -2.51 -0.99 20.89
C GLU A 197 -1.57 -1.23 19.72
N ALA A 198 -0.36 -0.66 19.76
CA ALA A 198 0.62 -0.91 18.70
C ALA A 198 0.98 -2.40 18.60
N VAL A 199 1.07 -3.08 19.75
CA VAL A 199 1.41 -4.50 19.74
C VAL A 199 0.29 -5.33 19.12
N ARG A 200 -0.94 -5.12 19.58
CA ARG A 200 -2.10 -5.80 18.96
C ARG A 200 -2.10 -5.59 17.46
N PHE A 201 -1.87 -4.34 17.05
CA PHE A 201 -1.86 -4.02 15.63
C PHE A 201 -0.77 -4.80 14.91
N ALA A 202 0.44 -4.81 15.47
CA ALA A 202 1.57 -5.50 14.84
C ALA A 202 1.33 -7.01 14.76
N ARG A 203 0.81 -7.61 15.83
CA ARG A 203 0.59 -9.05 15.83
C ARG A 203 -0.52 -9.44 14.86
N ASP A 204 -1.61 -8.66 14.82
CA ASP A 204 -2.71 -8.92 13.91
C ASP A 204 -2.26 -8.95 12.45
N MET A 205 -1.17 -8.27 12.17
CA MET A 205 -0.62 -8.04 10.86
C MET A 205 0.48 -9.04 10.50
N GLY A 206 0.88 -9.90 11.44
CA GLY A 206 1.89 -10.90 11.19
C GLY A 206 3.28 -10.63 11.74
N PHE A 207 3.48 -9.57 12.52
CA PHE A 207 4.76 -9.39 13.22
C PHE A 207 4.87 -10.34 14.40
N GLY A 208 6.10 -10.78 14.67
CA GLY A 208 6.34 -11.67 15.79
C GLY A 208 6.63 -10.97 17.10
N GLY A 209 7.01 -9.69 17.04
CA GLY A 209 7.31 -8.95 18.24
C GLY A 209 7.59 -7.50 17.94
N LEU A 210 8.14 -6.80 18.93
CA LEU A 210 8.48 -5.39 18.80
C LEU A 210 9.89 -5.12 19.30
N LEU A 211 10.61 -4.25 18.58
CA LEU A 211 11.71 -3.52 19.19
C LEU A 211 11.14 -2.66 20.31
N CYS A 212 11.84 -2.61 21.45
CA CYS A 212 11.42 -1.78 22.57
C CYS A 212 12.62 -1.07 23.17
N ILE A 213 12.37 -0.13 24.06
CA ILE A 213 13.41 0.80 24.48
C ILE A 213 13.42 1.04 25.99
N HIS A 214 12.59 0.30 26.74
CA HIS A 214 12.58 0.44 28.18
C HIS A 214 12.15 -0.89 28.76
N PRO A 215 12.73 -1.34 29.88
CA PRO A 215 12.31 -2.62 30.47
C PRO A 215 10.82 -2.70 30.77
N SER A 216 10.19 -1.58 31.14
CA SER A 216 8.78 -1.59 31.50
C SER A 216 7.90 -1.96 30.32
N GLN A 217 8.41 -1.84 29.09
CA GLN A 217 7.63 -2.19 27.90
C GLN A 217 7.48 -3.70 27.71
N VAL A 218 8.31 -4.51 28.38
CA VAL A 218 8.43 -5.92 28.03
C VAL A 218 7.18 -6.71 28.42
N GLU A 219 6.78 -6.67 29.71
CA GLU A 219 5.58 -7.37 30.16
C GLU A 219 4.35 -6.99 29.35
N PRO A 220 4.06 -5.70 29.07
CA PRO A 220 2.94 -5.37 28.20
C PRO A 220 3.05 -5.98 26.81
N ILE A 221 4.26 -6.00 26.23
CA ILE A 221 4.41 -6.60 24.92
C ILE A 221 4.10 -8.09 25.00
N HIS A 222 4.75 -8.78 25.95
CA HIS A 222 4.57 -10.23 26.06
C HIS A 222 3.12 -10.60 26.34
N GLN A 223 2.47 -9.89 27.25
CA GLN A 223 1.09 -10.18 27.58
C GLN A 223 0.15 -9.96 26.40
N THR A 224 0.37 -8.89 25.63
CA THR A 224 -0.54 -8.58 24.53
C THR A 224 -0.38 -9.58 23.38
N LEU A 225 0.82 -10.15 23.21
CA LEU A 225 1.09 -11.07 22.10
C LEU A 225 0.49 -12.45 22.30
N MET A 226 0.21 -12.87 23.53
CA MET A 226 -0.33 -14.20 23.69
C MET A 226 -1.79 -14.22 23.20
N PRO A 227 -2.22 -15.33 22.59
CA PRO A 227 -3.61 -15.43 22.16
C PRO A 227 -4.55 -15.32 23.36
N SER A 228 -5.65 -14.60 23.15
CA SER A 228 -6.65 -14.41 24.18
C SER A 228 -7.39 -15.71 24.44
N PRO A 229 -8.05 -15.82 25.60
CA PRO A 229 -8.97 -16.96 25.81
C PRO A 229 -9.97 -17.10 24.67
N ALA A 230 -10.48 -15.99 24.14
CA ALA A 230 -11.45 -16.04 23.05
C ALA A 230 -10.83 -16.63 21.79
N GLU A 231 -9.61 -16.20 21.44
CA GLU A 231 -8.95 -16.77 20.27
C GLU A 231 -8.70 -18.26 20.46
N LEU A 232 -8.25 -18.67 21.64
CA LEU A 232 -8.01 -20.08 21.87
C LEU A 232 -9.30 -20.88 21.82
N GLU A 233 -10.35 -20.40 22.48
CA GLU A 233 -11.60 -21.14 22.47
C GLU A 233 -12.21 -21.19 21.07
N TRP A 234 -12.08 -20.10 20.30
CA TRP A 234 -12.49 -20.15 18.90
C TRP A 234 -11.71 -21.21 18.14
N ALA A 235 -10.38 -21.16 18.24
CA ALA A 235 -9.53 -22.15 17.56
C ALA A 235 -9.85 -23.57 18.01
N ARG A 236 -10.19 -23.76 19.28
CA ARG A 236 -10.59 -25.07 19.75
C ARG A 236 -11.88 -25.53 19.07
N ARG A 237 -12.88 -24.66 19.03
CA ARG A 237 -14.13 -25.00 18.34
C ARG A 237 -13.90 -25.33 16.88
N VAL A 238 -13.08 -24.54 16.19
CA VAL A 238 -12.83 -24.79 14.78
C VAL A 238 -12.13 -26.14 14.57
N ALA A 239 -11.11 -26.43 15.39
CA ALA A 239 -10.37 -27.67 15.24
C ALA A 239 -11.25 -28.88 15.53
N GLU A 240 -12.13 -28.76 16.53
CA GLU A 240 -13.02 -29.87 16.85
C GLU A 240 -13.86 -30.24 15.64
N ALA A 241 -14.50 -29.25 15.01
CA ALA A 241 -15.33 -29.52 13.85
C ALA A 241 -14.51 -30.04 12.67
N GLY A 242 -13.20 -29.71 12.61
CA GLY A 242 -12.42 -30.17 11.48
C GLY A 242 -11.95 -31.61 11.58
N ALA A 243 -12.02 -32.19 12.78
CA ALA A 243 -11.79 -33.61 12.99
C ALA A 243 -13.09 -34.40 12.87
N SER A 244 -14.19 -33.85 13.41
CA SER A 244 -15.51 -34.47 13.38
C SER A 244 -15.97 -34.84 11.97
N GLY A 245 -15.50 -34.11 10.96
CA GLY A 245 -15.83 -34.40 9.57
C GLY A 245 -14.75 -33.95 8.61
N ALA A 246 -15.16 -33.47 7.44
CA ALA A 246 -14.25 -33.08 6.38
C ALA A 246 -14.96 -32.09 5.48
N GLY A 247 -14.18 -31.23 4.86
CA GLY A 247 -14.75 -30.20 4.01
C GLY A 247 -15.11 -28.95 4.76
N VAL A 248 -15.92 -28.15 4.09
CA VAL A 248 -16.29 -26.84 4.62
C VAL A 248 -17.41 -26.99 5.64
N PHE A 249 -17.34 -26.21 6.71
CA PHE A 249 -18.37 -26.18 7.74
C PHE A 249 -18.51 -24.74 8.22
N VAL A 250 -19.28 -24.55 9.29
CA VAL A 250 -19.56 -23.22 9.81
C VAL A 250 -19.34 -23.22 11.32
N VAL A 251 -18.70 -22.15 11.81
CA VAL A 251 -18.44 -21.95 13.22
C VAL A 251 -18.66 -20.47 13.49
N ASP A 252 -19.39 -20.15 14.56
CA ASP A 252 -19.67 -18.76 14.92
C ASP A 252 -20.28 -17.98 13.75
N GLY A 253 -21.10 -18.64 12.94
CA GLY A 253 -21.75 -17.99 11.83
C GLY A 253 -20.89 -17.77 10.60
N GLU A 254 -19.62 -18.20 10.61
CA GLU A 254 -18.72 -17.97 9.51
C GLU A 254 -18.34 -19.29 8.84
N MET A 255 -18.30 -19.29 7.51
CA MET A 255 -17.74 -20.42 6.78
C MET A 255 -16.30 -20.68 7.21
N VAL A 256 -15.95 -21.96 7.37
CA VAL A 256 -14.58 -22.35 7.65
C VAL A 256 -14.13 -23.29 6.54
N ASP A 257 -13.16 -22.86 5.74
CA ASP A 257 -12.59 -23.69 4.70
C ASP A 257 -11.16 -24.04 5.10
N ALA A 258 -10.43 -24.68 4.18
CA ALA A 258 -9.09 -25.17 4.52
C ALA A 258 -8.17 -24.11 5.15
N PRO A 259 -7.98 -22.92 4.57
CA PRO A 259 -7.08 -21.94 5.25
C PRO A 259 -7.52 -21.56 6.66
N VAL A 260 -8.82 -21.48 6.92
CA VAL A 260 -9.28 -21.10 8.26
C VAL A 260 -8.96 -22.20 9.26
N LEU A 261 -9.21 -23.45 8.88
CA LEU A 261 -8.81 -24.58 9.72
C LEU A 261 -7.30 -24.58 9.93
N GLY A 262 -6.54 -24.27 8.88
CA GLY A 262 -5.10 -24.17 9.04
C GLY A 262 -4.69 -23.10 10.03
N ARG A 263 -5.30 -21.92 9.92
CA ARG A 263 -4.97 -20.85 10.86
C ARG A 263 -5.33 -21.23 12.29
N ALA A 264 -6.50 -21.85 12.48
CA ALA A 264 -6.90 -22.24 13.83
C ALA A 264 -5.92 -23.25 14.41
N ARG A 265 -5.51 -24.23 13.59
CA ARG A 265 -4.55 -25.25 14.04
C ARG A 265 -3.18 -24.63 14.34
N ARG A 266 -2.77 -23.63 13.55
CA ARG A 266 -1.46 -23.02 13.80
C ARG A 266 -1.45 -22.27 15.12
N LEU A 267 -2.54 -21.58 15.42
CA LEU A 267 -2.66 -20.86 16.69
C LEU A 267 -2.55 -21.81 17.87
N LEU A 268 -3.23 -22.97 17.79
CA LEU A 268 -3.20 -23.92 18.89
C LEU A 268 -1.81 -24.50 19.09
N GLU A 269 -1.11 -24.80 17.98
CA GLU A 269 0.22 -25.39 18.11
C GLU A 269 1.19 -24.39 18.72
N ARG A 270 1.13 -23.12 18.31
CA ARG A 270 2.06 -22.13 18.81
C ARG A 270 1.85 -21.82 20.29
N ALA A 271 0.64 -22.03 20.80
CA ALA A 271 0.38 -21.81 22.21
C ALA A 271 0.57 -23.06 23.04
N GLY A 272 1.10 -24.13 22.45
CA GLY A 272 1.38 -25.37 23.16
C GLY A 272 0.24 -26.35 23.29
N GLU A 273 -0.87 -26.15 22.59
CA GLU A 273 -2.04 -27.02 22.68
C GLU A 273 -2.19 -27.86 21.42
N GLY A 274 -3.36 -28.47 21.27
CA GLY A 274 -3.69 -29.25 20.08
C GLY A 274 -5.14 -29.68 20.09
N GLY A 275 -5.86 -29.38 19.02
CA GLY A 275 -7.28 -29.66 18.96
C GLY A 275 -8.09 -28.91 20.00
N MET B 1 -12.53 -14.53 -21.49
CA MET B 1 -12.75 -13.95 -22.84
C MET B 1 -13.58 -12.67 -22.75
N ASN B 2 -14.28 -12.44 -21.65
CA ASN B 2 -15.23 -11.31 -21.55
C ASN B 2 -14.58 -10.01 -21.07
N ARG B 3 -15.25 -8.89 -21.27
CA ARG B 3 -14.78 -7.60 -20.69
C ARG B 3 -15.97 -7.08 -19.86
N GLN B 4 -17.00 -7.90 -19.75
CA GLN B 4 -18.23 -7.56 -18.98
C GLN B 4 -18.04 -7.88 -17.49
N ILE B 5 -18.96 -7.38 -16.69
CA ILE B 5 -18.85 -7.52 -15.22
C ILE B 5 -19.49 -8.81 -14.70
N VAL B 6 -18.82 -9.46 -13.78
CA VAL B 6 -19.39 -10.61 -13.03
C VAL B 6 -19.62 -10.14 -11.60
N ARG B 7 -20.89 -10.03 -11.19
CA ARG B 7 -21.22 -9.50 -9.86
C ARG B 7 -20.99 -10.53 -8.76
N SER B 8 -21.15 -11.80 -9.11
CA SER B 8 -21.18 -12.81 -8.07
C SER B 8 -20.69 -14.12 -8.67
N ALA B 9 -19.84 -14.80 -7.93
CA ALA B 9 -19.31 -16.10 -8.34
C ALA B 9 -19.45 -17.00 -7.13
N LEU B 10 -20.41 -17.93 -7.20
CA LEU B 10 -20.86 -18.69 -6.04
C LEU B 10 -20.20 -20.06 -6.04
N PHE B 11 -19.39 -20.32 -5.01
CA PHE B 11 -18.79 -21.64 -4.87
C PHE B 11 -19.83 -22.69 -4.49
N VAL B 12 -19.63 -23.89 -5.00
CA VAL B 12 -20.37 -25.07 -4.54
C VAL B 12 -19.42 -26.25 -4.71
N PRO B 13 -19.26 -27.11 -3.71
CA PRO B 13 -18.27 -28.21 -3.83
C PRO B 13 -18.86 -29.36 -4.62
N ALA B 14 -17.99 -29.98 -5.44
CA ALA B 14 -18.43 -31.08 -6.31
C ALA B 14 -18.79 -32.34 -5.52
N THR B 15 -18.57 -32.35 -4.21
CA THR B 15 -19.06 -33.41 -3.36
C THR B 15 -20.59 -33.36 -3.18
N ARG B 16 -21.23 -32.23 -3.49
CA ARG B 16 -22.66 -32.07 -3.27
C ARG B 16 -23.33 -31.72 -4.59
N PRO B 17 -23.34 -32.66 -5.55
CA PRO B 17 -23.82 -32.32 -6.90
C PRO B 17 -25.27 -31.91 -6.93
N GLU B 18 -26.07 -32.36 -5.97
CA GLU B 18 -27.45 -31.90 -5.86
C GLU B 18 -27.56 -30.41 -5.59
N ARG B 19 -26.49 -29.78 -5.07
CA ARG B 19 -26.52 -28.35 -4.79
C ARG B 19 -26.12 -27.51 -5.98
N ILE B 20 -25.54 -28.08 -7.03
CA ILE B 20 -25.14 -27.29 -8.18
C ILE B 20 -26.35 -26.65 -8.87
N PRO B 21 -27.46 -27.36 -9.12
CA PRO B 21 -28.60 -26.64 -9.72
C PRO B 21 -29.10 -25.53 -8.83
N LYS B 22 -29.10 -25.77 -7.51
CA LYS B 22 -29.50 -24.72 -6.56
C LYS B 22 -28.58 -23.51 -6.68
N ALA B 23 -27.29 -23.74 -6.92
CA ALA B 23 -26.38 -22.62 -7.12
C ALA B 23 -26.72 -21.87 -8.39
N LEU B 24 -27.02 -22.60 -9.46
CA LEU B 24 -27.33 -21.94 -10.73
C LEU B 24 -28.65 -21.18 -10.65
N ALA B 25 -29.62 -21.70 -9.91
CA ALA B 25 -30.93 -21.06 -9.80
C ALA B 25 -30.91 -19.83 -8.90
N SER B 26 -29.83 -19.63 -8.14
CA SER B 26 -29.70 -18.51 -7.22
C SER B 26 -29.59 -17.16 -7.92
N GLY B 27 -29.35 -17.14 -9.23
CA GLY B 27 -29.18 -15.92 -9.98
C GLY B 27 -27.77 -15.35 -10.01
N ALA B 28 -26.84 -15.95 -9.28
CA ALA B 28 -25.45 -15.53 -9.36
C ALA B 28 -25.02 -15.46 -10.83
N ASP B 29 -24.19 -14.49 -11.15
CA ASP B 29 -23.70 -14.35 -12.52
C ASP B 29 -22.84 -15.55 -12.93
N ARG B 30 -22.14 -16.16 -11.99
CA ARG B 30 -21.31 -17.32 -12.29
C ARG B 30 -21.42 -18.29 -11.12
N VAL B 31 -21.39 -19.59 -11.44
CA VAL B 31 -21.27 -20.64 -10.44
C VAL B 31 -19.89 -21.27 -10.57
N ILE B 32 -19.24 -21.54 -9.42
CA ILE B 32 -17.95 -22.23 -9.36
C ILE B 32 -18.17 -23.59 -8.72
N VAL B 33 -17.89 -24.65 -9.45
CA VAL B 33 -17.88 -25.98 -8.86
C VAL B 33 -16.46 -26.26 -8.40
N ASP B 34 -16.29 -26.58 -7.13
CA ASP B 34 -14.95 -26.69 -6.58
C ASP B 34 -14.50 -28.15 -6.57
N LEU B 35 -13.28 -28.40 -7.06
CA LEU B 35 -12.61 -29.70 -6.96
C LEU B 35 -11.42 -29.66 -6.03
N GLU B 36 -11.11 -28.47 -5.49
CA GLU B 36 -9.87 -28.20 -4.76
C GLU B 36 -10.15 -28.21 -3.26
N ASP B 37 -9.90 -27.09 -2.59
CA ASP B 37 -9.92 -27.01 -1.10
C ASP B 37 -11.27 -27.30 -0.40
N ALA B 38 -12.42 -27.25 -1.05
CA ALA B 38 -13.68 -27.66 -0.37
C ALA B 38 -13.82 -29.19 -0.41
N VAL B 39 -13.06 -29.86 -1.29
CA VAL B 39 -13.16 -31.33 -1.49
C VAL B 39 -11.95 -32.04 -0.86
N GLU B 40 -12.22 -32.94 0.06
CA GLU B 40 -11.17 -33.74 0.74
C GLU B 40 -10.48 -34.67 -0.25
N GLU B 41 -9.20 -34.91 -0.04
CA GLU B 41 -8.38 -35.79 -0.90
C GLU B 41 -9.14 -37.06 -1.31
N GLY B 42 -9.79 -37.71 -0.36
CA GLY B 42 -10.47 -38.99 -0.63
C GLY B 42 -11.70 -38.87 -1.51
N LEU B 43 -12.32 -37.68 -1.58
CA LEU B 43 -13.57 -37.50 -2.34
C LEU B 43 -13.31 -36.86 -3.70
N LYS B 44 -12.07 -36.46 -3.97
CA LYS B 44 -11.74 -35.69 -5.20
C LYS B 44 -11.97 -36.52 -6.47
N VAL B 45 -11.67 -37.81 -6.42
CA VAL B 45 -11.94 -38.60 -7.64
C VAL B 45 -13.43 -38.75 -7.84
N GLU B 46 -14.16 -39.10 -6.79
CA GLU B 46 -15.60 -39.16 -6.87
C GLU B 46 -16.19 -37.82 -7.27
N ALA B 47 -15.71 -36.73 -6.67
CA ALA B 47 -16.24 -35.41 -7.00
C ALA B 47 -16.02 -35.09 -8.47
N ARG B 48 -14.83 -35.39 -9.01
CA ARG B 48 -14.61 -35.15 -10.43
C ARG B 48 -15.66 -35.86 -11.28
N ALA B 49 -15.97 -37.11 -10.92
CA ALA B 49 -16.97 -37.87 -11.64
C ALA B 49 -18.37 -37.30 -11.40
N ASN B 50 -18.65 -36.82 -10.18
CA ASN B 50 -19.89 -36.10 -9.93
C ASN B 50 -20.03 -34.92 -10.88
N LEU B 51 -18.97 -34.13 -11.04
CA LEU B 51 -19.06 -32.98 -11.92
C LEU B 51 -19.24 -33.41 -13.38
N ARG B 52 -18.47 -34.41 -13.82
CA ARG B 52 -18.64 -34.94 -15.17
C ARG B 52 -20.10 -35.34 -15.40
N ARG B 53 -20.70 -36.03 -14.44
CA ARG B 53 -22.09 -36.45 -14.55
C ARG B 53 -23.03 -35.27 -14.66
N PHE B 54 -22.81 -34.24 -13.84
CA PHE B 54 -23.70 -33.08 -13.91
C PHE B 54 -23.62 -32.41 -15.28
N LEU B 55 -22.40 -32.20 -15.78
CA LEU B 55 -22.25 -31.51 -17.05
C LEU B 55 -22.90 -32.29 -18.18
N VAL B 56 -22.67 -33.61 -18.23
CA VAL B 56 -23.31 -34.44 -19.26
C VAL B 56 -24.83 -34.37 -19.15
N ASP B 57 -25.36 -34.48 -17.92
CA ASP B 57 -26.80 -34.54 -17.67
C ASP B 57 -27.50 -33.18 -17.75
N THR B 58 -26.74 -32.08 -17.80
CA THR B 58 -27.26 -30.71 -17.79
C THR B 58 -26.54 -29.90 -18.87
N PRO B 59 -26.76 -30.23 -20.15
CA PRO B 59 -25.88 -29.67 -21.20
C PRO B 59 -25.99 -28.16 -21.36
N GLU B 60 -27.10 -27.55 -20.92
CA GLU B 60 -27.24 -26.10 -20.98
C GLU B 60 -26.52 -25.38 -19.83
N ALA B 61 -25.98 -26.11 -18.85
CA ALA B 61 -25.33 -25.47 -17.71
C ALA B 61 -23.97 -24.90 -18.12
N ARG B 62 -23.64 -23.73 -17.58
CA ARG B 62 -22.35 -23.08 -17.83
C ARG B 62 -21.76 -22.71 -16.47
N VAL B 63 -20.56 -23.23 -16.18
CA VAL B 63 -19.98 -23.12 -14.86
C VAL B 63 -18.48 -22.92 -14.97
N LEU B 64 -17.91 -22.34 -13.92
CA LEU B 64 -16.49 -22.32 -13.70
C LEU B 64 -16.14 -23.48 -12.78
N VAL B 65 -14.90 -23.93 -12.88
CA VAL B 65 -14.40 -25.01 -12.04
C VAL B 65 -13.13 -24.50 -11.37
N ARG B 66 -13.05 -24.65 -10.05
CA ARG B 66 -11.78 -24.42 -9.37
C ARG B 66 -11.04 -25.74 -9.31
N ILE B 67 -9.93 -25.82 -10.04
CA ILE B 67 -9.19 -27.05 -10.23
C ILE B 67 -8.11 -27.16 -9.17
N ASN B 68 -7.58 -28.37 -9.00
CA ASN B 68 -6.41 -28.55 -8.16
C ASN B 68 -5.18 -27.98 -8.86
N ALA B 69 -4.29 -27.36 -8.09
CA ALA B 69 -3.14 -26.69 -8.67
C ALA B 69 -2.11 -27.71 -9.13
N ALA B 70 -1.12 -27.29 -9.92
CA ALA B 70 -0.19 -28.24 -10.59
C ALA B 70 0.53 -29.22 -9.66
N GLU B 71 0.73 -28.85 -8.41
CA GLU B 71 1.35 -29.82 -7.46
C GLU B 71 0.50 -31.10 -7.33
N HIS B 72 -0.83 -31.03 -7.41
CA HIS B 72 -1.72 -32.21 -7.19
C HIS B 72 -1.69 -33.23 -8.34
N PRO B 73 -1.67 -34.55 -8.03
CA PRO B 73 -1.72 -35.61 -9.05
C PRO B 73 -2.95 -35.50 -9.92
N GLY B 74 -4.01 -34.84 -9.44
CA GLY B 74 -5.21 -34.65 -10.23
C GLY B 74 -5.24 -33.43 -11.15
N HIS B 75 -4.15 -32.67 -11.25
CA HIS B 75 -4.13 -31.47 -12.08
C HIS B 75 -4.56 -31.76 -13.52
N ALA B 76 -3.88 -32.70 -14.16
CA ALA B 76 -4.17 -33.03 -15.55
C ALA B 76 -5.59 -33.57 -15.71
N ASP B 77 -6.09 -34.33 -14.73
CA ASP B 77 -7.46 -34.81 -14.79
C ASP B 77 -8.47 -33.68 -14.67
N ASP B 78 -8.19 -32.69 -13.82
CA ASP B 78 -9.06 -31.51 -13.74
C ASP B 78 -9.05 -30.74 -15.05
N LEU B 79 -7.86 -30.54 -15.62
CA LEU B 79 -7.76 -29.77 -16.85
C LEU B 79 -8.50 -30.46 -17.97
N ALA B 80 -8.39 -31.80 -18.04
CA ALA B 80 -9.08 -32.53 -19.10
C ALA B 80 -10.59 -32.42 -18.97
N LEU B 81 -11.11 -32.46 -17.74
CA LEU B 81 -12.56 -32.26 -17.55
C LEU B 81 -12.98 -30.88 -18.05
N CYS B 82 -12.19 -29.85 -17.72
CA CYS B 82 -12.48 -28.50 -18.23
C CYS B 82 -12.50 -28.48 -19.75
N ARG B 83 -11.52 -29.17 -20.36
CA ARG B 83 -11.35 -29.16 -21.80
C ARG B 83 -12.50 -29.85 -22.52
N ASP B 84 -13.00 -30.94 -21.95
CA ASP B 84 -13.84 -31.86 -22.71
C ASP B 84 -15.34 -31.58 -22.61
N HIS B 85 -15.75 -30.59 -21.82
CA HIS B 85 -17.18 -30.29 -21.63
C HIS B 85 -17.43 -28.82 -21.92
N ALA B 86 -18.31 -28.56 -22.88
CA ALA B 86 -18.62 -27.19 -23.25
C ALA B 86 -19.24 -26.41 -22.10
N GLY B 87 -19.78 -27.11 -21.10
CA GLY B 87 -20.36 -26.43 -19.95
C GLY B 87 -19.36 -25.73 -19.05
N VAL B 88 -18.07 -26.08 -19.16
CA VAL B 88 -17.02 -25.42 -18.39
C VAL B 88 -16.54 -24.24 -19.20
N ILE B 89 -16.82 -23.02 -18.74
CA ILE B 89 -16.46 -21.84 -19.53
C ILE B 89 -15.21 -21.17 -18.98
N GLY B 90 -14.61 -21.71 -17.95
CA GLY B 90 -13.41 -21.13 -17.39
C GLY B 90 -13.03 -21.90 -16.15
N LEU B 91 -11.81 -21.65 -15.70
CA LEU B 91 -11.35 -22.30 -14.49
C LEU B 91 -10.72 -21.27 -13.58
N LEU B 92 -10.87 -21.51 -12.28
CA LEU B 92 -10.12 -20.78 -11.26
C LEU B 92 -8.85 -21.54 -10.95
N LEU B 93 -7.70 -20.85 -11.06
CA LEU B 93 -6.42 -21.47 -10.73
C LEU B 93 -6.00 -20.99 -9.34
N PRO B 94 -6.10 -21.84 -8.32
CA PRO B 94 -5.72 -21.43 -6.96
C PRO B 94 -4.22 -21.51 -6.78
N LYS B 95 -3.73 -20.86 -5.72
CA LYS B 95 -2.30 -20.94 -5.35
C LYS B 95 -1.40 -20.52 -6.51
N VAL B 96 -1.86 -19.57 -7.31
CA VAL B 96 -1.15 -19.20 -8.53
C VAL B 96 0.07 -18.40 -8.14
N GLU B 97 1.23 -18.79 -8.67
CA GLU B 97 2.45 -18.10 -8.26
C GLU B 97 3.35 -17.76 -9.43
N SER B 98 2.91 -18.00 -10.66
CA SER B 98 3.77 -17.74 -11.80
C SER B 98 2.93 -17.65 -13.07
N ALA B 99 3.46 -16.88 -14.03
CA ALA B 99 2.85 -16.84 -15.35
C ALA B 99 2.83 -18.22 -15.98
N ALA B 100 3.86 -19.03 -15.71
CA ALA B 100 3.98 -20.37 -16.27
C ALA B 100 2.83 -21.28 -15.84
N GLN B 101 2.44 -21.20 -14.57
CA GLN B 101 1.30 -21.98 -14.10
C GLN B 101 0.02 -21.54 -14.81
N VAL B 102 -0.15 -20.24 -15.06
CA VAL B 102 -1.32 -19.77 -15.80
C VAL B 102 -1.29 -20.30 -17.23
N ARG B 103 -0.14 -20.15 -17.93
CA ARG B 103 -0.09 -20.55 -19.32
C ARG B 103 -0.36 -22.04 -19.47
N HIS B 104 0.20 -22.86 -18.57
CA HIS B 104 0.01 -24.30 -18.67
C HIS B 104 -1.45 -24.68 -18.48
N ALA B 105 -2.13 -24.05 -17.52
CA ALA B 105 -3.55 -24.35 -17.29
C ALA B 105 -4.41 -23.89 -18.46
N ALA B 106 -4.08 -22.73 -19.04
CA ALA B 106 -4.84 -22.17 -20.16
C ALA B 106 -4.67 -23.02 -21.41
N VAL B 107 -3.43 -23.37 -21.75
CA VAL B 107 -3.17 -24.19 -22.94
C VAL B 107 -3.78 -25.58 -22.78
N ALA B 108 -3.61 -26.20 -21.61
CA ALA B 108 -4.12 -27.55 -21.40
C ALA B 108 -5.65 -27.59 -21.45
N SER B 109 -6.33 -26.63 -20.83
CA SER B 109 -7.80 -26.59 -20.85
C SER B 109 -8.36 -25.93 -22.10
N GLY B 110 -7.60 -25.02 -22.70
CA GLY B 110 -8.11 -24.20 -23.80
C GLY B 110 -9.24 -23.27 -23.41
N LYS B 111 -9.37 -22.95 -22.13
CA LYS B 111 -10.47 -22.17 -21.59
C LYS B 111 -9.92 -21.01 -20.76
N PRO B 112 -10.70 -19.94 -20.59
CA PRO B 112 -10.21 -18.78 -19.83
C PRO B 112 -9.83 -19.17 -18.41
N VAL B 113 -8.80 -18.47 -17.89
CA VAL B 113 -8.26 -18.70 -16.55
C VAL B 113 -8.63 -17.52 -15.66
N TRP B 114 -9.13 -17.80 -14.48
CA TRP B 114 -9.25 -16.81 -13.41
C TRP B 114 -8.16 -17.13 -12.39
N PRO B 115 -7.02 -16.44 -12.40
CA PRO B 115 -6.03 -16.62 -11.32
C PRO B 115 -6.56 -16.10 -9.98
N ILE B 116 -6.45 -16.91 -8.93
CA ILE B 116 -6.86 -16.54 -7.57
C ILE B 116 -5.59 -16.33 -6.75
N VAL B 117 -5.32 -15.08 -6.38
CA VAL B 117 -4.13 -14.76 -5.60
C VAL B 117 -4.39 -15.11 -4.14
N GLU B 118 -3.60 -16.02 -3.60
CA GLU B 118 -3.76 -16.41 -2.21
C GLU B 118 -2.47 -16.47 -1.43
N SER B 119 -1.38 -15.95 -1.98
CA SER B 119 -0.10 -16.06 -1.30
C SER B 119 0.79 -14.87 -1.65
N ALA B 120 1.80 -14.68 -0.79
CA ALA B 120 2.83 -13.67 -1.04
C ALA B 120 3.54 -13.89 -2.37
N ARG B 121 3.80 -15.15 -2.73
CA ARG B 121 4.43 -15.43 -4.02
C ARG B 121 3.55 -14.95 -5.17
N GLY B 122 2.26 -15.23 -5.09
CA GLY B 122 1.34 -14.74 -6.10
C GLY B 122 1.33 -13.22 -6.20
N LEU B 123 1.37 -12.53 -5.05
CA LEU B 123 1.39 -11.07 -5.10
C LEU B 123 2.66 -10.57 -5.76
N ALA B 124 3.81 -11.15 -5.39
CA ALA B 124 5.09 -10.68 -5.93
C ALA B 124 5.16 -10.88 -7.44
N ALA B 125 4.52 -11.90 -7.98
CA ALA B 125 4.56 -12.18 -9.39
C ALA B 125 3.28 -11.72 -10.11
N LEU B 126 2.45 -10.88 -9.48
CA LEU B 126 1.13 -10.59 -10.06
C LEU B 126 1.25 -9.85 -11.39
N GLY B 127 2.30 -9.06 -11.58
CA GLY B 127 2.50 -8.44 -12.88
C GLY B 127 2.53 -9.45 -14.02
N GLU B 128 3.38 -10.47 -13.90
CA GLU B 128 3.46 -11.47 -14.97
C GLU B 128 2.23 -12.37 -14.97
N ILE B 129 1.66 -12.67 -13.79
CA ILE B 129 0.49 -13.54 -13.74
C ILE B 129 -0.67 -12.92 -14.49
N ALA B 130 -0.94 -11.64 -14.23
CA ALA B 130 -2.06 -10.96 -14.88
C ALA B 130 -1.81 -10.83 -16.36
N ALA B 131 -0.55 -10.63 -16.76
CA ALA B 131 -0.18 -10.40 -18.15
C ALA B 131 -0.12 -11.69 -18.96
N ALA B 132 -0.36 -12.84 -18.35
CA ALA B 132 -0.20 -14.09 -19.06
C ALA B 132 -1.36 -14.32 -20.02
N ALA B 133 -1.06 -14.91 -21.18
CA ALA B 133 -2.08 -15.21 -22.17
C ALA B 133 -3.05 -16.24 -21.62
N GLY B 134 -4.35 -15.98 -21.82
CA GLY B 134 -5.42 -16.82 -21.31
C GLY B 134 -6.16 -16.26 -20.11
N VAL B 135 -5.66 -15.19 -19.48
CA VAL B 135 -6.29 -14.64 -18.28
C VAL B 135 -7.53 -13.86 -18.66
N GLU B 136 -8.65 -14.16 -18.01
CA GLU B 136 -9.87 -13.36 -18.17
C GLU B 136 -9.97 -12.24 -17.14
N ARG B 137 -9.74 -12.58 -15.87
CA ARG B 137 -9.86 -11.61 -14.80
C ARG B 137 -9.15 -12.17 -13.57
N LEU B 138 -8.90 -11.31 -12.60
CA LEU B 138 -8.24 -11.71 -11.38
C LEU B 138 -9.25 -11.76 -10.23
N SER B 139 -9.05 -12.67 -9.29
CA SER B 139 -9.86 -12.68 -8.05
C SER B 139 -8.94 -12.86 -6.84
N PHE B 140 -9.49 -12.66 -5.65
CA PHE B 140 -8.68 -12.67 -4.41
C PHE B 140 -9.05 -13.83 -3.47
N GLY B 141 -8.05 -14.51 -2.91
CA GLY B 141 -8.26 -15.51 -1.85
C GLY B 141 -7.89 -14.90 -0.50
N SER B 142 -8.78 -14.11 0.09
CA SER B 142 -8.54 -13.38 1.37
C SER B 142 -8.08 -14.32 2.50
N LEU B 143 -8.87 -15.34 2.81
CA LEU B 143 -8.53 -16.29 3.89
C LEU B 143 -7.22 -17.04 3.58
N ASP B 144 -6.96 -17.33 2.31
CA ASP B 144 -5.66 -17.96 2.02
C ASP B 144 -4.51 -16.99 2.31
N LEU B 145 -4.69 -15.73 1.91
CA LEU B 145 -3.67 -14.72 2.18
C LEU B 145 -3.46 -14.51 3.68
N ALA B 146 -4.54 -14.55 4.46
CA ALA B 146 -4.40 -14.40 5.91
C ALA B 146 -3.62 -15.57 6.51
N LEU B 147 -3.79 -16.78 5.96
CA LEU B 147 -2.97 -17.89 6.42
C LEU B 147 -1.50 -17.68 6.03
N ASP B 148 -1.27 -17.34 4.76
CA ASP B 148 0.11 -17.26 4.26
C ASP B 148 0.90 -16.18 4.97
N LEU B 149 0.27 -15.04 5.27
CA LEU B 149 0.93 -13.91 5.92
C LEU B 149 0.60 -13.79 7.40
N ASP B 150 -0.09 -14.78 7.97
CA ASP B 150 -0.32 -14.86 9.41
C ASP B 150 -1.16 -13.70 9.91
N LEU B 151 -2.21 -13.34 9.17
CA LEU B 151 -3.03 -12.20 9.53
C LEU B 151 -4.19 -12.67 10.42
N ASN B 152 -4.60 -11.80 11.33
CA ASN B 152 -5.77 -12.05 12.19
C ASN B 152 -6.98 -11.57 11.42
N SER B 153 -7.59 -12.50 10.65
CA SER B 153 -8.70 -12.17 9.77
C SER B 153 -9.77 -11.37 10.50
N GLY B 154 -10.17 -10.26 9.89
CA GLY B 154 -11.19 -9.40 10.46
C GLY B 154 -10.65 -8.23 11.25
N SER B 155 -9.38 -8.26 11.64
CA SER B 155 -8.88 -7.12 12.37
C SER B 155 -8.55 -5.96 11.42
N ASN B 156 -8.42 -4.77 12.00
CA ASN B 156 -8.09 -3.58 11.22
C ASN B 156 -6.73 -3.73 10.54
N ALA B 157 -5.77 -4.36 11.24
CA ALA B 157 -4.43 -4.57 10.68
C ALA B 157 -4.45 -5.55 9.50
N ALA B 158 -5.18 -6.67 9.65
CA ALA B 158 -5.28 -7.60 8.53
C ALA B 158 -5.92 -6.93 7.31
N GLU B 159 -7.00 -6.18 7.52
CA GLU B 159 -7.65 -5.52 6.40
C GLU B 159 -6.74 -4.49 5.75
N GLN B 160 -5.85 -3.88 6.53
CA GLN B 160 -4.86 -2.97 5.94
C GLN B 160 -3.89 -3.74 5.04
N ILE B 161 -3.45 -4.93 5.46
CA ILE B 161 -2.57 -5.72 4.61
C ILE B 161 -3.32 -6.16 3.35
N LEU B 162 -4.54 -6.66 3.54
CA LEU B 162 -5.34 -7.08 2.40
C LEU B 162 -5.62 -5.91 1.46
N GLY B 163 -5.64 -4.68 1.99
CA GLY B 163 -5.74 -3.52 1.13
C GLY B 163 -4.58 -3.44 0.17
N HIS B 164 -3.39 -3.87 0.61
CA HIS B 164 -2.26 -3.88 -0.32
C HIS B 164 -2.45 -4.90 -1.42
N ALA B 165 -3.01 -6.07 -1.10
CA ALA B 165 -3.28 -7.08 -2.13
C ALA B 165 -4.39 -6.65 -3.07
N ARG B 166 -5.46 -6.06 -2.53
CA ARG B 166 -6.55 -5.59 -3.37
C ARG B 166 -6.05 -4.54 -4.35
N TYR B 167 -5.23 -3.61 -3.88
CA TYR B 167 -4.69 -2.57 -4.75
C TYR B 167 -3.95 -3.18 -5.92
N ALA B 168 -3.11 -4.20 -5.62
CA ALA B 168 -2.34 -4.86 -6.67
C ALA B 168 -3.25 -5.52 -7.69
N LEU B 169 -4.29 -6.21 -7.23
CA LEU B 169 -5.25 -6.78 -8.15
C LEU B 169 -5.89 -5.71 -9.01
N LEU B 170 -6.26 -4.57 -8.40
CA LEU B 170 -6.89 -3.51 -9.16
C LEU B 170 -5.89 -2.84 -10.10
N LEU B 171 -4.65 -2.63 -9.64
CA LEU B 171 -3.64 -2.04 -10.53
C LEU B 171 -3.41 -2.91 -11.75
N GLN B 172 -3.04 -4.19 -11.55
CA GLN B 172 -2.69 -5.05 -12.69
C GLN B 172 -3.88 -5.32 -13.61
N THR B 173 -5.10 -5.34 -13.08
CA THR B 173 -6.29 -5.43 -13.91
C THR B 173 -6.26 -4.37 -15.00
N ARG B 174 -5.98 -3.12 -14.61
CA ARG B 174 -5.93 -2.03 -15.58
C ARG B 174 -4.67 -2.11 -16.44
N LEU B 175 -3.56 -2.61 -15.88
CA LEU B 175 -2.32 -2.69 -16.64
C LEU B 175 -2.42 -3.75 -17.74
N ALA B 176 -2.97 -4.92 -17.42
CA ALA B 176 -3.08 -6.00 -18.40
C ALA B 176 -4.39 -5.95 -19.20
N GLY B 177 -5.25 -4.98 -18.95
CA GLY B 177 -6.50 -4.91 -19.72
C GLY B 177 -7.46 -6.04 -19.48
N LEU B 178 -7.61 -6.48 -18.24
CA LEU B 178 -8.49 -7.59 -17.93
C LEU B 178 -9.91 -7.10 -17.64
N ALA B 179 -10.83 -8.06 -17.56
CA ALA B 179 -12.20 -7.78 -17.14
C ALA B 179 -12.21 -7.46 -15.64
N PRO B 180 -13.27 -6.81 -15.15
CA PRO B 180 -13.31 -6.39 -13.74
C PRO B 180 -13.05 -7.53 -12.79
N PRO B 181 -12.16 -7.33 -11.82
CA PRO B 181 -11.84 -8.39 -10.85
C PRO B 181 -12.93 -8.52 -9.80
N LEU B 182 -12.84 -9.60 -9.00
CA LEU B 182 -13.78 -9.87 -7.92
C LEU B 182 -13.05 -9.82 -6.57
N ASP B 183 -13.65 -9.15 -5.60
CA ASP B 183 -13.12 -9.12 -4.25
C ASP B 183 -13.36 -10.48 -3.59
N GLY B 184 -12.73 -10.67 -2.43
CA GLY B 184 -12.74 -11.97 -1.80
C GLY B 184 -14.05 -12.30 -1.10
N VAL B 185 -14.11 -13.55 -0.63
CA VAL B 185 -15.33 -14.11 -0.02
C VAL B 185 -15.61 -13.42 1.30
N TYR B 186 -16.88 -13.16 1.56
CA TYR B 186 -17.33 -12.67 2.86
C TYR B 186 -17.94 -13.85 3.60
N PRO B 187 -17.31 -14.32 4.67
CA PRO B 187 -17.69 -15.62 5.24
C PRO B 187 -18.84 -15.61 6.23
N ALA B 188 -19.23 -14.45 6.77
CA ALA B 188 -20.28 -14.41 7.80
C ALA B 188 -21.62 -14.50 7.07
N ILE B 189 -22.11 -15.73 6.93
CA ILE B 189 -23.15 -16.05 5.97
C ILE B 189 -24.40 -15.21 6.18
N GLN B 190 -24.87 -15.13 7.42
CA GLN B 190 -26.16 -14.49 7.68
C GLN B 190 -26.05 -13.01 8.01
N ASN B 191 -24.82 -12.49 8.12
CA ASN B 191 -24.61 -11.09 8.43
C ASN B 191 -24.75 -10.26 7.15
N ARG B 192 -26.01 -10.00 6.80
CA ARG B 192 -26.31 -9.22 5.59
C ARG B 192 -25.72 -7.82 5.66
N ALA B 193 -25.82 -7.18 6.83
CA ALA B 193 -25.28 -5.83 6.96
C ALA B 193 -23.79 -5.80 6.70
N GLY B 194 -23.04 -6.77 7.26
CA GLY B 194 -21.62 -6.86 6.98
C GLY B 194 -21.34 -7.21 5.53
N LEU B 195 -22.15 -8.10 4.96
CA LEU B 195 -21.95 -8.40 3.55
C LEU B 195 -22.18 -7.15 2.70
N VAL B 196 -23.26 -6.42 2.99
CA VAL B 196 -23.52 -5.19 2.25
C VAL B 196 -22.35 -4.24 2.36
N GLU B 197 -21.74 -4.16 3.55
CA GLU B 197 -20.62 -3.23 3.69
C GLU B 197 -19.39 -3.71 2.92
N ALA B 198 -19.13 -5.01 2.92
CA ALA B 198 -18.02 -5.54 2.11
C ALA B 198 -18.23 -5.27 0.64
N VAL B 199 -19.47 -5.37 0.15
CA VAL B 199 -19.73 -5.19 -1.27
C VAL B 199 -19.52 -3.74 -1.69
N ARG B 200 -20.13 -2.80 -0.96
CA ARG B 200 -19.95 -1.38 -1.27
C ARG B 200 -18.49 -0.97 -1.20
N PHE B 201 -17.76 -1.45 -0.19
CA PHE B 201 -16.34 -1.14 -0.09
C PHE B 201 -15.60 -1.63 -1.32
N ALA B 202 -15.89 -2.86 -1.74
CA ALA B 202 -15.26 -3.46 -2.91
C ALA B 202 -15.61 -2.69 -4.18
N ARG B 203 -16.88 -2.32 -4.35
CA ARG B 203 -17.33 -1.63 -5.56
C ARG B 203 -16.69 -0.25 -5.68
N ASP B 204 -16.68 0.50 -4.57
CA ASP B 204 -16.08 1.83 -4.48
C ASP B 204 -14.62 1.84 -4.90
N MET B 205 -13.98 0.70 -4.82
CA MET B 205 -12.57 0.48 -5.10
C MET B 205 -12.31 0.04 -6.54
N GLY B 206 -13.36 -0.26 -7.31
CA GLY B 206 -13.23 -0.71 -8.68
C GLY B 206 -13.39 -2.20 -8.90
N PHE B 207 -13.72 -2.98 -7.87
CA PHE B 207 -14.05 -4.39 -8.07
C PHE B 207 -15.41 -4.48 -8.74
N GLY B 208 -15.56 -5.47 -9.61
CA GLY B 208 -16.82 -5.68 -10.30
C GLY B 208 -17.80 -6.57 -9.56
N GLY B 209 -17.29 -7.37 -8.63
CA GLY B 209 -18.17 -8.27 -7.90
C GLY B 209 -17.42 -8.94 -6.77
N LEU B 210 -18.04 -9.96 -6.21
CA LEU B 210 -17.47 -10.75 -5.13
C LEU B 210 -17.63 -12.23 -5.40
N LEU B 211 -16.59 -13.00 -5.10
CA LEU B 211 -16.78 -14.42 -4.85
C LEU B 211 -17.71 -14.53 -3.65
N CYS B 212 -18.61 -15.52 -3.69
CA CYS B 212 -19.54 -15.76 -2.60
C CYS B 212 -19.66 -17.26 -2.37
N ILE B 213 -20.32 -17.63 -1.27
CA ILE B 213 -20.31 -19.00 -0.77
C ILE B 213 -21.68 -19.50 -0.31
N HIS B 214 -22.72 -18.70 -0.50
CA HIS B 214 -24.03 -19.20 -0.12
C HIS B 214 -25.01 -18.53 -1.05
N PRO B 215 -26.02 -19.25 -1.55
CA PRO B 215 -27.03 -18.60 -2.41
C PRO B 215 -27.67 -17.37 -1.76
N SER B 216 -27.80 -17.32 -0.42
CA SER B 216 -28.42 -16.14 0.19
C SER B 216 -27.57 -14.89 0.04
N GLN B 217 -26.29 -15.02 -0.30
CA GLN B 217 -25.46 -13.82 -0.48
C GLN B 217 -25.74 -13.13 -1.81
N VAL B 218 -26.39 -13.81 -2.76
CA VAL B 218 -26.46 -13.29 -4.13
C VAL B 218 -27.27 -12.00 -4.21
N GLU B 219 -28.50 -12.03 -3.69
CA GLU B 219 -29.37 -10.84 -3.64
C GLU B 219 -28.77 -9.62 -2.93
N PRO B 220 -28.19 -9.71 -1.73
CA PRO B 220 -27.51 -8.52 -1.19
C PRO B 220 -26.39 -8.01 -2.09
N ILE B 221 -25.63 -8.90 -2.70
CA ILE B 221 -24.53 -8.45 -3.54
C ILE B 221 -25.05 -7.64 -4.74
N HIS B 222 -26.03 -8.17 -5.46
CA HIS B 222 -26.51 -7.47 -6.65
C HIS B 222 -27.18 -6.14 -6.31
N GLN B 223 -27.99 -6.09 -5.25
CA GLN B 223 -28.61 -4.82 -4.90
C GLN B 223 -27.58 -3.79 -4.47
N THR B 224 -26.53 -4.20 -3.75
CA THR B 224 -25.55 -3.23 -3.28
C THR B 224 -24.71 -2.70 -4.44
N LEU B 225 -24.49 -3.50 -5.47
CA LEU B 225 -23.66 -3.04 -6.59
C LEU B 225 -24.40 -1.99 -7.42
N MET B 226 -25.72 -1.91 -7.32
CA MET B 226 -26.47 -0.94 -8.09
C MET B 226 -26.17 0.48 -7.59
N PRO B 227 -26.09 1.46 -8.50
CA PRO B 227 -25.96 2.85 -8.05
C PRO B 227 -27.18 3.27 -7.26
N SER B 228 -26.95 4.02 -6.19
CA SER B 228 -28.06 4.51 -5.40
C SER B 228 -28.81 5.59 -6.20
N PRO B 229 -30.07 5.85 -5.86
CA PRO B 229 -30.76 7.02 -6.45
C PRO B 229 -29.94 8.29 -6.35
N ALA B 230 -29.26 8.48 -5.20
CA ALA B 230 -28.44 9.67 -5.03
C ALA B 230 -27.26 9.69 -6.00
N GLU B 231 -26.59 8.55 -6.19
CA GLU B 231 -25.50 8.53 -7.16
C GLU B 231 -26.03 8.80 -8.56
N LEU B 232 -27.19 8.25 -8.91
CA LEU B 232 -27.76 8.48 -10.23
C LEU B 232 -28.13 9.95 -10.41
N GLU B 233 -28.81 10.54 -9.42
CA GLU B 233 -29.24 11.93 -9.55
C GLU B 233 -28.05 12.89 -9.61
N TRP B 234 -26.98 12.61 -8.85
CA TRP B 234 -25.78 13.42 -8.98
C TRP B 234 -25.25 13.39 -10.41
N ALA B 235 -25.05 12.18 -10.94
CA ALA B 235 -24.52 12.04 -12.29
C ALA B 235 -25.42 12.72 -13.33
N ARG B 236 -26.74 12.67 -13.12
CA ARG B 236 -27.63 13.40 -14.02
C ARG B 236 -27.38 14.90 -13.94
N ARG B 237 -27.30 15.44 -12.72
CA ARG B 237 -26.96 16.85 -12.54
C ARG B 237 -25.63 17.19 -13.20
N VAL B 238 -24.62 16.34 -13.02
CA VAL B 238 -23.32 16.59 -13.65
C VAL B 238 -23.42 16.51 -15.17
N ALA B 239 -24.14 15.50 -15.70
CA ALA B 239 -24.28 15.36 -17.14
C ALA B 239 -25.09 16.50 -17.74
N GLU B 240 -26.15 16.95 -17.05
CA GLU B 240 -26.93 18.09 -17.54
C GLU B 240 -26.05 19.35 -17.67
N ALA B 241 -25.32 19.69 -16.62
CA ALA B 241 -24.51 20.90 -16.67
C ALA B 241 -23.41 20.80 -17.74
N GLY B 242 -22.97 19.58 -18.04
CA GLY B 242 -21.94 19.31 -19.03
C GLY B 242 -22.42 19.23 -20.46
N ALA B 243 -23.73 19.24 -20.68
CA ALA B 243 -24.27 19.08 -22.03
C ALA B 243 -24.00 20.31 -22.89
N SER B 244 -24.10 21.51 -22.31
CA SER B 244 -23.81 22.72 -23.09
C SER B 244 -22.41 22.68 -23.70
N GLY B 245 -21.43 22.13 -22.99
CA GLY B 245 -20.11 21.99 -23.58
C GLY B 245 -18.96 22.48 -22.73
N ALA B 246 -19.26 23.19 -21.64
CA ALA B 246 -18.23 23.86 -20.85
C ALA B 246 -17.14 22.89 -20.37
N GLY B 247 -15.93 23.42 -20.24
CA GLY B 247 -14.81 22.61 -19.84
C GLY B 247 -14.82 22.34 -18.35
N VAL B 248 -15.13 23.37 -17.56
CA VAL B 248 -15.15 23.24 -16.11
C VAL B 248 -16.33 24.02 -15.54
N PHE B 249 -17.03 23.41 -14.60
CA PHE B 249 -18.19 24.04 -13.95
C PHE B 249 -18.28 23.54 -12.51
N VAL B 250 -19.41 23.84 -11.84
CA VAL B 250 -19.60 23.46 -10.45
C VAL B 250 -20.96 22.78 -10.29
N VAL B 251 -20.99 21.69 -9.53
CA VAL B 251 -22.20 20.96 -9.18
C VAL B 251 -22.07 20.54 -7.72
N ASP B 252 -23.13 20.76 -6.94
CA ASP B 252 -23.13 20.43 -5.50
C ASP B 252 -21.93 21.04 -4.79
N GLY B 253 -21.48 22.22 -5.23
CA GLY B 253 -20.36 22.88 -4.58
C GLY B 253 -18.97 22.38 -4.94
N GLU B 254 -18.85 21.42 -5.86
CA GLU B 254 -17.57 20.88 -6.26
C GLU B 254 -17.27 21.25 -7.70
N MET B 255 -16.02 21.62 -7.97
CA MET B 255 -15.55 21.75 -9.34
C MET B 255 -15.74 20.43 -10.08
N VAL B 256 -16.20 20.50 -11.33
CA VAL B 256 -16.34 19.35 -12.21
C VAL B 256 -15.48 19.61 -13.45
N ASP B 257 -14.45 18.79 -13.65
CA ASP B 257 -13.62 18.86 -14.84
C ASP B 257 -13.85 17.59 -15.68
N ALA B 258 -13.05 17.41 -16.73
CA ALA B 258 -13.23 16.28 -17.64
C ALA B 258 -13.30 14.94 -16.91
N PRO B 259 -12.37 14.59 -16.00
CA PRO B 259 -12.49 13.30 -15.30
C PRO B 259 -13.76 13.12 -14.49
N VAL B 260 -14.27 14.19 -13.87
CA VAL B 260 -15.49 14.07 -13.07
C VAL B 260 -16.69 13.82 -13.98
N LEU B 261 -16.79 14.60 -15.06
CA LEU B 261 -17.86 14.42 -16.04
C LEU B 261 -17.81 13.03 -16.66
N GLY B 262 -16.61 12.54 -16.97
CA GLY B 262 -16.49 11.19 -17.49
C GLY B 262 -17.00 10.14 -16.52
N ARG B 263 -16.64 10.27 -15.24
CA ARG B 263 -17.14 9.31 -14.25
C ARG B 263 -18.66 9.36 -14.18
N ALA B 264 -19.22 10.57 -14.26
CA ALA B 264 -20.67 10.72 -14.22
C ALA B 264 -21.34 10.10 -15.45
N ARG B 265 -20.75 10.31 -16.64
CA ARG B 265 -21.33 9.73 -17.86
C ARG B 265 -21.24 8.21 -17.87
N ARG B 266 -20.13 7.67 -17.37
CA ARG B 266 -19.99 6.21 -17.32
C ARG B 266 -20.93 5.61 -16.29
N LEU B 267 -21.15 6.31 -15.17
CA LEU B 267 -22.10 5.82 -14.17
C LEU B 267 -23.50 5.72 -14.75
N LEU B 268 -23.92 6.75 -15.48
CA LEU B 268 -25.23 6.75 -16.10
C LEU B 268 -25.30 5.69 -17.18
N GLU B 269 -24.24 5.55 -17.96
CA GLU B 269 -24.30 4.56 -19.02
C GLU B 269 -24.38 3.15 -18.47
N ARG B 270 -23.57 2.84 -17.46
CA ARG B 270 -23.53 1.49 -16.93
C ARG B 270 -24.82 1.08 -16.25
N ALA B 271 -25.66 2.04 -15.87
CA ALA B 271 -26.96 1.75 -15.28
C ALA B 271 -28.07 1.71 -16.32
N GLY B 272 -27.73 1.77 -17.61
CA GLY B 272 -28.74 1.71 -18.64
C GLY B 272 -29.37 3.02 -19.05
N GLU B 273 -28.57 4.08 -19.13
CA GLU B 273 -29.05 5.33 -19.72
C GLU B 273 -27.89 6.13 -20.30
N GLY B 274 -27.37 5.67 -21.45
CA GLY B 274 -26.41 6.45 -22.22
C GLY B 274 -27.08 7.61 -22.95
N GLY B 275 -26.24 8.41 -23.61
CA GLY B 275 -26.70 9.59 -24.33
C GLY B 275 -27.67 9.28 -25.46
N MET C 1 15.88 21.32 -10.58
CA MET C 1 16.85 22.32 -10.15
C MET C 1 16.31 23.12 -8.97
N ASN C 2 15.11 23.70 -9.15
CA ASN C 2 14.40 24.38 -8.06
C ASN C 2 13.92 23.33 -7.07
N ARG C 3 14.39 23.42 -5.83
CA ARG C 3 14.04 22.40 -4.79
C ARG C 3 13.33 23.07 -3.60
N GLN C 4 12.80 24.28 -3.79
CA GLN C 4 12.00 24.93 -2.77
C GLN C 4 10.62 24.27 -2.68
N ILE C 5 9.94 24.56 -1.59
CA ILE C 5 8.59 24.08 -1.36
C ILE C 5 7.63 24.90 -2.19
N VAL C 6 6.68 24.24 -2.84
CA VAL C 6 5.55 24.93 -3.45
C VAL C 6 4.29 24.51 -2.70
N ARG C 7 3.73 25.46 -1.93
CA ARG C 7 2.59 25.20 -1.06
C ARG C 7 1.29 25.08 -1.85
N SER C 8 1.18 25.80 -2.95
CA SER C 8 -0.09 25.89 -3.67
C SER C 8 0.18 26.15 -5.13
N ALA C 9 -0.53 25.41 -5.98
CA ALA C 9 -0.44 25.59 -7.43
C ALA C 9 -1.87 25.71 -7.94
N LEU C 10 -2.26 26.92 -8.30
CA LEU C 10 -3.64 27.28 -8.58
C LEU C 10 -3.88 27.24 -10.09
N PHE C 11 -4.77 26.35 -10.51
CA PHE C 11 -5.17 26.28 -11.91
C PHE C 11 -6.04 27.48 -12.27
N VAL C 12 -5.93 27.92 -13.51
CA VAL C 12 -6.84 28.89 -14.10
C VAL C 12 -6.85 28.53 -15.58
N PRO C 13 -8.01 28.45 -16.24
CA PRO C 13 -8.00 28.04 -17.65
C PRO C 13 -7.69 29.20 -18.58
N ALA C 14 -6.96 28.90 -19.66
CA ALA C 14 -6.57 29.96 -20.58
C ALA C 14 -7.76 30.55 -21.33
N THR C 15 -8.96 29.98 -21.16
CA THR C 15 -10.19 30.57 -21.69
C THR C 15 -10.63 31.80 -20.91
N ARG C 16 -10.09 32.03 -19.72
CA ARG C 16 -10.47 33.13 -18.84
C ARG C 16 -9.25 33.99 -18.53
N PRO C 17 -8.70 34.67 -19.55
CA PRO C 17 -7.41 35.37 -19.34
C PRO C 17 -7.53 36.50 -18.34
N GLU C 18 -8.71 37.12 -18.23
CA GLU C 18 -8.95 38.11 -17.19
C GLU C 18 -8.80 37.51 -15.80
N ARG C 19 -8.90 36.19 -15.66
CA ARG C 19 -8.72 35.55 -14.37
C ARG C 19 -7.27 35.23 -14.06
N ILE C 20 -6.38 35.26 -15.05
CA ILE C 20 -4.97 34.98 -14.79
C ILE C 20 -4.37 35.99 -13.82
N PRO C 21 -4.59 37.32 -13.99
CA PRO C 21 -4.10 38.25 -12.97
C PRO C 21 -4.72 37.99 -11.61
N LYS C 22 -6.00 37.62 -11.58
CA LYS C 22 -6.64 37.29 -10.31
C LYS C 22 -5.92 36.13 -9.63
N ALA C 23 -5.53 35.11 -10.41
CA ALA C 23 -4.83 33.97 -9.83
C ALA C 23 -3.46 34.36 -9.27
N LEU C 24 -2.72 35.19 -9.99
CA LEU C 24 -1.40 35.57 -9.51
C LEU C 24 -1.49 36.44 -8.26
N ALA C 25 -2.55 37.25 -8.15
CA ALA C 25 -2.77 38.13 -7.01
C ALA C 25 -3.26 37.40 -5.76
N SER C 26 -3.66 36.12 -5.89
CA SER C 26 -4.15 35.33 -4.76
C SER C 26 -3.06 34.98 -3.77
N GLY C 27 -1.80 35.14 -4.15
CA GLY C 27 -0.68 34.77 -3.31
C GLY C 27 -0.23 33.33 -3.45
N ALA C 28 -0.90 32.53 -4.27
CA ALA C 28 -0.44 31.17 -4.53
C ALA C 28 1.03 31.16 -4.89
N ASP C 29 1.75 30.13 -4.45
CA ASP C 29 3.15 30.02 -4.79
C ASP C 29 3.34 29.84 -6.29
N ARG C 30 2.37 29.20 -6.96
CA ARG C 30 2.43 28.99 -8.40
C ARG C 30 1.04 29.14 -8.98
N VAL C 31 0.99 29.72 -10.18
CA VAL C 31 -0.20 29.71 -11.02
C VAL C 31 0.05 28.78 -12.20
N ILE C 32 -0.93 27.92 -12.49
CA ILE C 32 -0.93 27.02 -13.64
C ILE C 32 -1.98 27.52 -14.62
N VAL C 33 -1.55 27.91 -15.81
CA VAL C 33 -2.51 28.25 -16.85
C VAL C 33 -2.79 27.00 -17.67
N ASP C 34 -4.07 26.62 -17.75
CA ASP C 34 -4.40 25.33 -18.32
C ASP C 34 -4.76 25.45 -19.79
N LEU C 35 -4.22 24.55 -20.61
CA LEU C 35 -4.56 24.48 -22.04
C LEU C 35 -5.20 23.12 -22.29
N GLU C 36 -5.29 22.29 -21.25
CA GLU C 36 -5.74 20.90 -21.43
C GLU C 36 -7.20 20.64 -21.01
N ASP C 37 -7.43 19.85 -19.99
CA ASP C 37 -8.80 19.34 -19.68
C ASP C 37 -9.79 20.39 -19.18
N ALA C 38 -9.37 21.59 -18.79
CA ALA C 38 -10.38 22.62 -18.43
C ALA C 38 -10.77 23.42 -19.67
N VAL C 39 -10.17 23.12 -20.82
CA VAL C 39 -10.39 23.94 -22.01
C VAL C 39 -11.04 23.07 -23.09
N GLU C 40 -12.28 23.38 -23.45
CA GLU C 40 -12.98 22.61 -24.46
C GLU C 40 -12.19 22.57 -25.76
N GLU C 41 -12.26 21.44 -26.45
CA GLU C 41 -11.46 21.26 -27.66
C GLU C 41 -11.61 22.45 -28.61
N GLY C 42 -12.85 22.92 -28.78
CA GLY C 42 -13.12 24.00 -29.70
C GLY C 42 -12.48 25.33 -29.31
N LEU C 43 -12.07 25.48 -28.05
CA LEU C 43 -11.51 26.74 -27.57
C LEU C 43 -9.98 26.72 -27.39
N LYS C 44 -9.32 25.58 -27.65
CA LYS C 44 -7.90 25.44 -27.29
C LYS C 44 -7.00 26.35 -28.12
N VAL C 45 -7.32 26.58 -29.40
CA VAL C 45 -6.47 27.44 -30.22
C VAL C 45 -6.57 28.88 -29.74
N GLU C 46 -7.80 29.35 -29.51
CA GLU C 46 -8.01 30.67 -28.93
C GLU C 46 -7.33 30.79 -27.56
N ALA C 47 -7.49 29.77 -26.71
CA ALA C 47 -6.93 29.83 -25.36
C ALA C 47 -5.40 29.95 -25.39
N ARG C 48 -4.73 29.16 -26.25
CA ARG C 48 -3.29 29.31 -26.40
C ARG C 48 -2.91 30.75 -26.74
N ALA C 49 -3.70 31.37 -27.63
CA ALA C 49 -3.46 32.76 -28.02
C ALA C 49 -3.75 33.73 -26.87
N ASN C 50 -4.77 33.44 -26.08
CA ASN C 50 -4.97 34.19 -24.84
C ASN C 50 -3.73 34.14 -23.97
N LEU C 51 -3.14 32.94 -23.83
CA LEU C 51 -1.96 32.82 -22.97
C LEU C 51 -0.79 33.60 -23.55
N ARG C 52 -0.58 33.51 -24.88
CA ARG C 52 0.52 34.25 -25.50
C ARG C 52 0.47 35.74 -25.17
N ARG C 53 -0.70 36.33 -25.33
CA ARG C 53 -0.90 37.77 -25.07
C ARG C 53 -0.68 38.09 -23.59
N PHE C 54 -1.17 37.26 -22.69
CA PHE C 54 -0.92 37.48 -21.25
C PHE C 54 0.60 37.50 -21.00
N LEU C 55 1.30 36.52 -21.56
CA LEU C 55 2.74 36.46 -21.30
C LEU C 55 3.44 37.69 -21.90
N VAL C 56 3.09 38.04 -23.15
CA VAL C 56 3.68 39.21 -23.78
C VAL C 56 3.33 40.49 -23.00
N ASP C 57 2.07 40.63 -22.60
CA ASP C 57 1.63 41.87 -21.95
C ASP C 57 2.09 41.96 -20.50
N THR C 58 2.53 40.85 -19.91
CA THR C 58 2.82 40.76 -18.48
C THR C 58 4.16 40.08 -18.30
N PRO C 59 5.25 40.72 -18.75
CA PRO C 59 6.55 40.01 -18.83
C PRO C 59 7.13 39.64 -17.47
N GLU C 60 6.77 40.34 -16.40
CA GLU C 60 7.27 39.97 -15.09
C GLU C 60 6.55 38.78 -14.50
N ALA C 61 5.48 38.31 -15.13
CA ALA C 61 4.72 37.19 -14.61
C ALA C 61 5.47 35.88 -14.86
N ARG C 62 5.44 35.01 -13.87
CA ARG C 62 6.05 33.68 -13.97
C ARG C 62 4.97 32.67 -13.64
N VAL C 63 4.71 31.77 -14.59
CA VAL C 63 3.58 30.86 -14.48
C VAL C 63 3.98 29.48 -14.98
N LEU C 64 3.25 28.47 -14.50
CA LEU C 64 3.28 27.13 -15.04
C LEU C 64 2.15 26.99 -16.05
N VAL C 65 2.34 26.07 -17.01
CA VAL C 65 1.39 25.81 -18.06
C VAL C 65 1.11 24.32 -18.11
N ARG C 66 -0.17 23.95 -18.07
CA ARG C 66 -0.56 22.56 -18.33
C ARG C 66 -0.87 22.41 -19.82
N ILE C 67 -0.03 21.62 -20.52
CA ILE C 67 -0.13 21.44 -21.96
C ILE C 67 -0.95 20.19 -22.27
N ASN C 68 -1.45 20.11 -23.50
CA ASN C 68 -2.05 18.88 -24.01
C ASN C 68 -0.96 17.85 -24.29
N ALA C 69 -1.25 16.58 -24.01
CA ALA C 69 -0.20 15.57 -24.13
C ALA C 69 0.04 15.21 -25.59
N ALA C 70 1.02 14.32 -25.83
CA ALA C 70 1.54 14.13 -27.19
C ALA C 70 0.47 13.66 -28.16
N GLU C 71 -0.56 12.98 -27.66
CA GLU C 71 -1.58 12.44 -28.55
C GLU C 71 -2.38 13.56 -29.21
N HIS C 72 -2.44 14.74 -28.59
CA HIS C 72 -3.27 15.84 -29.08
C HIS C 72 -2.56 16.56 -30.23
N PRO C 73 -3.28 16.93 -31.29
CA PRO C 73 -2.62 17.61 -32.43
C PRO C 73 -1.98 18.96 -32.09
N GLY C 74 -2.42 19.62 -31.02
CA GLY C 74 -1.85 20.88 -30.59
C GLY C 74 -0.65 20.75 -29.67
N HIS C 75 -0.17 19.52 -29.46
CA HIS C 75 0.97 19.30 -28.57
C HIS C 75 2.16 20.17 -28.94
N ALA C 76 2.60 20.10 -30.20
CA ALA C 76 3.78 20.84 -30.62
C ALA C 76 3.60 22.35 -30.43
N ASP C 77 2.39 22.87 -30.69
CA ASP C 77 2.17 24.28 -30.44
C ASP C 77 2.24 24.62 -28.95
N ASP C 78 1.74 23.73 -28.08
CA ASP C 78 1.89 23.97 -26.64
C ASP C 78 3.36 24.00 -26.24
N LEU C 79 4.15 23.03 -26.72
CA LEU C 79 5.55 23.00 -26.36
C LEU C 79 6.27 24.24 -26.87
N ALA C 80 5.89 24.70 -28.07
CA ALA C 80 6.54 25.89 -28.60
C ALA C 80 6.23 27.11 -27.74
N LEU C 81 4.98 27.22 -27.28
CA LEU C 81 4.63 28.35 -26.43
C LEU C 81 5.44 28.32 -25.14
N CYS C 82 5.56 27.14 -24.52
CA CYS C 82 6.38 26.98 -23.31
C CYS C 82 7.83 27.34 -23.57
N ARG C 83 8.36 26.92 -24.73
CA ARG C 83 9.75 27.17 -25.05
C ARG C 83 10.06 28.66 -25.26
N ASP C 84 9.10 29.42 -25.83
CA ASP C 84 9.40 30.73 -26.40
C ASP C 84 9.06 31.92 -25.51
N HIS C 85 8.48 31.72 -24.31
CA HIS C 85 8.13 32.83 -23.43
C HIS C 85 8.78 32.63 -22.06
N ALA C 86 9.61 33.60 -21.66
CA ALA C 86 10.37 33.50 -20.40
C ALA C 86 9.48 33.43 -19.17
N GLY C 87 8.24 33.89 -19.27
CA GLY C 87 7.27 33.80 -18.19
C GLY C 87 6.81 32.39 -17.89
N VAL C 88 7.06 31.44 -18.77
CA VAL C 88 6.72 30.04 -18.51
C VAL C 88 7.93 29.41 -17.83
N ILE C 89 7.78 29.09 -16.54
CA ILE C 89 8.88 28.58 -15.74
C ILE C 89 8.83 27.07 -15.56
N GLY C 90 7.86 26.40 -16.17
CA GLY C 90 7.72 24.96 -16.11
C GLY C 90 6.43 24.51 -16.76
N LEU C 91 6.30 23.23 -17.06
CA LEU C 91 5.03 22.77 -17.63
C LEU C 91 4.54 21.55 -16.89
N LEU C 92 3.22 21.44 -16.80
CA LEU C 92 2.59 20.24 -16.30
C LEU C 92 2.32 19.31 -17.48
N LEU C 93 2.82 18.07 -17.37
CA LEU C 93 2.60 17.04 -18.38
C LEU C 93 1.49 16.11 -17.90
N PRO C 94 0.31 16.14 -18.57
CA PRO C 94 -0.82 15.33 -18.12
C PRO C 94 -0.71 13.86 -18.53
N LYS C 95 -1.33 12.96 -17.76
CA LYS C 95 -1.39 11.50 -18.11
C LYS C 95 0.01 10.98 -18.44
N VAL C 96 1.00 11.30 -17.63
CA VAL C 96 2.37 10.94 -17.97
C VAL C 96 2.54 9.43 -17.79
N GLU C 97 3.10 8.78 -18.81
CA GLU C 97 3.16 7.32 -18.78
C GLU C 97 4.52 6.73 -19.12
N SER C 98 5.56 7.54 -19.30
CA SER C 98 6.86 7.00 -19.65
C SER C 98 7.92 8.08 -19.45
N ALA C 99 9.17 7.64 -19.20
CA ALA C 99 10.29 8.58 -19.14
C ALA C 99 10.47 9.31 -20.45
N ALA C 100 10.20 8.60 -21.57
CA ALA C 100 10.35 9.19 -22.90
C ALA C 100 9.43 10.40 -23.08
N GLN C 101 8.19 10.34 -22.57
CA GLN C 101 7.32 11.51 -22.67
C GLN C 101 7.88 12.70 -21.90
N VAL C 102 8.44 12.45 -20.71
CA VAL C 102 9.06 13.56 -19.97
C VAL C 102 10.27 14.09 -20.73
N ARG C 103 11.13 13.18 -21.21
CA ARG C 103 12.36 13.62 -21.86
C ARG C 103 12.06 14.50 -23.07
N HIS C 104 11.04 14.11 -23.85
CA HIS C 104 10.68 14.90 -25.03
C HIS C 104 10.14 16.27 -24.65
N ALA C 105 9.25 16.33 -23.65
CA ALA C 105 8.68 17.60 -23.24
C ALA C 105 9.74 18.54 -22.68
N ALA C 106 10.70 17.98 -21.93
CA ALA C 106 11.78 18.79 -21.36
C ALA C 106 12.72 19.30 -22.46
N VAL C 107 13.17 18.42 -23.36
CA VAL C 107 14.06 18.88 -24.41
C VAL C 107 13.36 19.91 -25.29
N ALA C 108 12.12 19.65 -25.66
CA ALA C 108 11.43 20.56 -26.57
C ALA C 108 11.26 21.96 -25.96
N SER C 109 10.82 22.03 -24.70
CA SER C 109 10.54 23.31 -24.06
C SER C 109 11.78 23.97 -23.44
N GLY C 110 12.77 23.18 -23.06
CA GLY C 110 13.88 23.72 -22.28
C GLY C 110 13.49 24.21 -20.91
N LYS C 111 12.39 23.72 -20.36
CA LYS C 111 11.85 24.19 -19.09
C LYS C 111 11.61 22.99 -18.20
N PRO C 112 11.56 23.18 -16.88
CA PRO C 112 11.29 22.06 -15.98
C PRO C 112 9.94 21.43 -16.25
N VAL C 113 9.86 20.11 -16.07
CA VAL C 113 8.64 19.35 -16.30
C VAL C 113 8.07 18.94 -14.95
N TRP C 114 6.76 19.16 -14.80
CA TRP C 114 5.99 18.66 -13.67
C TRP C 114 5.11 17.53 -14.17
N PRO C 115 5.54 16.27 -14.02
CA PRO C 115 4.64 15.16 -14.36
C PRO C 115 3.47 15.12 -13.40
N ILE C 116 2.29 14.92 -13.97
CA ILE C 116 1.05 14.72 -13.22
C ILE C 116 0.71 13.24 -13.33
N VAL C 117 0.79 12.51 -12.23
CA VAL C 117 0.48 11.08 -12.25
C VAL C 117 -1.04 10.94 -12.17
N GLU C 118 -1.65 10.45 -13.24
CA GLU C 118 -3.09 10.35 -13.31
C GLU C 118 -3.59 9.01 -13.80
N SER C 119 -2.72 7.99 -13.86
CA SER C 119 -3.19 6.70 -14.34
C SER C 119 -2.36 5.57 -13.76
N ALA C 120 -2.96 4.38 -13.82
CA ALA C 120 -2.27 3.17 -13.40
C ALA C 120 -0.97 3.00 -14.17
N ARG C 121 -0.99 3.33 -15.47
CA ARG C 121 0.23 3.26 -16.29
C ARG C 121 1.30 4.19 -15.75
N GLY C 122 0.94 5.43 -15.42
CA GLY C 122 1.91 6.33 -14.82
C GLY C 122 2.46 5.77 -13.53
N LEU C 123 1.61 5.14 -12.71
CA LEU C 123 2.08 4.55 -11.46
C LEU C 123 3.05 3.42 -11.74
N ALA C 124 2.73 2.55 -12.71
CA ALA C 124 3.60 1.41 -12.97
C ALA C 124 4.99 1.84 -13.43
N ALA C 125 5.08 2.97 -14.12
CA ALA C 125 6.34 3.46 -14.64
C ALA C 125 6.91 4.64 -13.83
N LEU C 126 6.42 4.87 -12.60
CA LEU C 126 6.79 6.10 -11.89
C LEU C 126 8.25 6.12 -11.51
N GLY C 127 8.84 4.96 -11.27
CA GLY C 127 10.28 4.91 -11.04
C GLY C 127 11.07 5.59 -12.15
N GLU C 128 10.80 5.22 -13.39
CA GLU C 128 11.54 5.82 -14.51
C GLU C 128 11.07 7.25 -14.74
N ILE C 129 9.79 7.54 -14.54
CA ILE C 129 9.28 8.89 -14.75
C ILE C 129 9.95 9.88 -13.79
N ALA C 130 9.98 9.52 -12.50
CA ALA C 130 10.59 10.42 -11.53
C ALA C 130 12.08 10.60 -11.78
N ALA C 131 12.76 9.56 -12.28
CA ALA C 131 14.20 9.61 -12.50
C ALA C 131 14.60 10.35 -13.78
N ALA C 132 13.65 10.77 -14.59
CA ALA C 132 14.01 11.32 -15.89
C ALA C 132 14.58 12.72 -15.75
N ALA C 133 15.54 13.04 -16.62
CA ALA C 133 16.18 14.34 -16.61
C ALA C 133 15.18 15.44 -16.97
N GLY C 134 15.15 16.50 -16.16
CA GLY C 134 14.22 17.59 -16.36
C GLY C 134 13.05 17.62 -15.39
N VAL C 135 12.85 16.59 -14.58
CA VAL C 135 11.73 16.53 -13.65
C VAL C 135 12.02 17.43 -12.45
N GLU C 136 11.10 18.33 -12.14
CA GLU C 136 11.25 19.16 -10.94
C GLU C 136 10.60 18.53 -9.73
N ARG C 137 9.36 18.08 -9.88
CA ARG C 137 8.61 17.51 -8.77
C ARG C 137 7.41 16.80 -9.39
N LEU C 138 6.75 16.00 -8.57
CA LEU C 138 5.58 15.24 -8.98
C LEU C 138 4.33 15.89 -8.39
N SER C 139 3.22 15.71 -9.06
CA SER C 139 1.93 16.19 -8.54
C SER C 139 0.92 15.05 -8.73
N PHE C 140 -0.17 15.06 -7.97
CA PHE C 140 -1.15 13.94 -7.99
C PHE C 140 -2.45 14.32 -8.69
N GLY C 141 -2.83 13.57 -9.72
CA GLY C 141 -4.13 13.75 -10.37
C GLY C 141 -5.16 12.77 -9.81
N SER C 142 -5.60 12.99 -8.56
CA SER C 142 -6.58 12.13 -7.86
C SER C 142 -7.85 11.86 -8.69
N LEU C 143 -8.40 12.89 -9.32
CA LEU C 143 -9.65 12.75 -10.13
C LEU C 143 -9.36 11.95 -11.41
N ASP C 144 -8.20 12.14 -11.99
CA ASP C 144 -7.87 11.30 -13.16
C ASP C 144 -7.64 9.87 -12.76
N LEU C 145 -6.95 9.65 -11.65
CA LEU C 145 -6.76 8.30 -11.14
C LEU C 145 -8.10 7.65 -10.79
N ALA C 146 -9.06 8.42 -10.26
CA ALA C 146 -10.35 7.82 -9.95
C ALA C 146 -11.07 7.36 -11.21
N LEU C 147 -10.95 8.14 -12.29
CA LEU C 147 -11.54 7.73 -13.56
C LEU C 147 -10.85 6.49 -14.11
N ASP C 148 -9.50 6.50 -14.15
CA ASP C 148 -8.75 5.42 -14.77
C ASP C 148 -8.93 4.09 -14.04
N LEU C 149 -9.06 4.13 -12.71
CA LEU C 149 -9.20 2.94 -11.89
C LEU C 149 -10.64 2.73 -11.43
N ASP C 150 -11.58 3.52 -11.95
CA ASP C 150 -13.00 3.30 -11.71
C ASP C 150 -13.33 3.44 -10.21
N LEU C 151 -12.76 4.45 -9.55
CA LEU C 151 -12.97 4.65 -8.13
C LEU C 151 -14.17 5.56 -7.88
N ASN C 152 -14.85 5.33 -6.76
CA ASN C 152 -15.94 6.20 -6.32
C ASN C 152 -15.35 7.34 -5.47
N SER C 153 -14.99 8.44 -6.16
CA SER C 153 -14.29 9.54 -5.51
C SER C 153 -14.98 9.98 -4.23
N GLY C 154 -14.19 10.12 -3.18
CA GLY C 154 -14.70 10.53 -1.90
C GLY C 154 -15.03 9.41 -0.94
N SER C 155 -15.16 8.17 -1.43
CA SER C 155 -15.48 7.08 -0.52
C SER C 155 -14.23 6.63 0.22
N ASN C 156 -14.45 5.90 1.32
CA ASN C 156 -13.33 5.36 2.09
C ASN C 156 -12.49 4.41 1.26
N ALA C 157 -13.13 3.61 0.40
CA ALA C 157 -12.39 2.66 -0.41
C ALA C 157 -11.51 3.38 -1.43
N ALA C 158 -12.07 4.39 -2.10
CA ALA C 158 -11.30 5.15 -3.10
C ALA C 158 -10.09 5.82 -2.46
N GLU C 159 -10.28 6.42 -1.28
CA GLU C 159 -9.15 7.09 -0.62
C GLU C 159 -8.09 6.10 -0.21
N GLN C 160 -8.47 4.86 0.10
CA GLN C 160 -7.46 3.85 0.41
C GLN C 160 -6.62 3.53 -0.82
N ILE C 161 -7.25 3.43 -2.00
CA ILE C 161 -6.51 3.26 -3.24
C ILE C 161 -5.65 4.48 -3.50
N LEU C 162 -6.23 5.66 -3.35
CA LEU C 162 -5.45 6.87 -3.55
C LEU C 162 -4.27 6.96 -2.58
N GLY C 163 -4.42 6.41 -1.36
CA GLY C 163 -3.28 6.36 -0.45
C GLY C 163 -2.11 5.58 -1.01
N HIS C 164 -2.40 4.48 -1.71
CA HIS C 164 -1.31 3.70 -2.30
C HIS C 164 -0.60 4.48 -3.40
N ALA C 165 -1.35 5.22 -4.20
CA ALA C 165 -0.73 5.99 -5.27
C ALA C 165 0.06 7.18 -4.72
N ARG C 166 -0.44 7.84 -3.68
CA ARG C 166 0.32 8.91 -3.05
C ARG C 166 1.66 8.39 -2.52
N TYR C 167 1.66 7.19 -1.93
CA TYR C 167 2.90 6.61 -1.41
C TYR C 167 3.97 6.50 -2.48
N ALA C 168 3.59 6.04 -3.67
CA ALA C 168 4.55 5.92 -4.76
C ALA C 168 5.11 7.29 -5.14
N LEU C 169 4.25 8.32 -5.22
CA LEU C 169 4.76 9.67 -5.47
C LEU C 169 5.74 10.08 -4.39
N LEU C 170 5.42 9.77 -3.13
CA LEU C 170 6.29 10.13 -2.00
C LEU C 170 7.56 9.29 -2.01
N LEU C 171 7.45 7.99 -2.26
CA LEU C 171 8.64 7.15 -2.36
C LEU C 171 9.57 7.60 -3.50
N GLN C 172 9.03 7.69 -4.72
CA GLN C 172 9.91 8.04 -5.84
C GLN C 172 10.44 9.46 -5.71
N THR C 173 9.69 10.37 -5.09
CA THR C 173 10.22 11.70 -4.82
C THR C 173 11.52 11.60 -4.06
N ARG C 174 11.55 10.78 -3.00
CA ARG C 174 12.76 10.65 -2.20
C ARG C 174 13.84 9.89 -2.95
N LEU C 175 13.45 8.88 -3.75
CA LEU C 175 14.44 8.07 -4.44
C LEU C 175 15.14 8.87 -5.54
N ALA C 176 14.40 9.67 -6.29
CA ALA C 176 14.97 10.47 -7.37
C ALA C 176 15.47 11.83 -6.89
N GLY C 177 15.34 12.14 -5.61
CA GLY C 177 15.87 13.40 -5.10
C GLY C 177 15.16 14.63 -5.64
N LEU C 178 13.84 14.55 -5.81
CA LEU C 178 13.05 15.63 -6.37
C LEU C 178 12.68 16.64 -5.29
N ALA C 179 12.13 17.77 -5.74
CA ALA C 179 11.55 18.76 -4.84
C ALA C 179 10.23 18.22 -4.26
N PRO C 180 9.74 18.82 -3.18
CA PRO C 180 8.53 18.30 -2.54
C PRO C 180 7.35 18.22 -3.50
N PRO C 181 6.64 17.09 -3.51
CA PRO C 181 5.50 16.92 -4.41
C PRO C 181 4.27 17.64 -3.90
N LEU C 182 3.26 17.73 -4.77
CA LEU C 182 1.99 18.34 -4.45
C LEU C 182 0.89 17.28 -4.46
N ASP C 183 0.07 17.26 -3.41
CA ASP C 183 -1.09 16.39 -3.37
C ASP C 183 -2.14 16.96 -4.33
N GLY C 184 -3.18 16.18 -4.58
CA GLY C 184 -4.15 16.51 -5.61
C GLY C 184 -5.14 17.58 -5.21
N VAL C 185 -5.99 17.94 -6.18
CA VAL C 185 -6.97 19.00 -6.00
C VAL C 185 -8.05 18.59 -5.02
N TYR C 186 -8.48 19.53 -4.17
CA TYR C 186 -9.64 19.31 -3.34
C TYR C 186 -10.83 20.06 -3.94
N PRO C 187 -11.82 19.37 -4.51
CA PRO C 187 -12.78 20.07 -5.38
C PRO C 187 -13.90 20.80 -4.66
N ALA C 188 -14.12 20.58 -3.36
CA ALA C 188 -15.26 21.22 -2.67
C ALA C 188 -14.87 22.63 -2.29
N ILE C 189 -15.15 23.59 -3.18
CA ILE C 189 -14.52 24.90 -3.15
C ILE C 189 -14.72 25.60 -1.80
N GLN C 190 -15.94 25.61 -1.28
CA GLN C 190 -16.19 26.43 -0.10
C GLN C 190 -16.03 25.67 1.20
N ASN C 191 -15.79 24.36 1.13
CA ASN C 191 -15.68 23.53 2.33
C ASN C 191 -14.27 23.71 2.91
N ARG C 192 -14.11 24.80 3.67
CA ARG C 192 -12.81 25.09 4.26
C ARG C 192 -12.37 24.01 5.24
N ALA C 193 -13.29 23.52 6.09
CA ALA C 193 -12.92 22.47 7.04
C ALA C 193 -12.42 21.22 6.32
N GLY C 194 -13.11 20.80 5.26
CA GLY C 194 -12.63 19.65 4.49
C GLY C 194 -11.30 19.94 3.80
N LEU C 195 -11.17 21.13 3.23
CA LEU C 195 -9.90 21.51 2.61
C LEU C 195 -8.78 21.54 3.64
N VAL C 196 -9.04 22.13 4.81
CA VAL C 196 -8.02 22.20 5.84
C VAL C 196 -7.53 20.81 6.18
N GLU C 197 -8.45 19.86 6.29
CA GLU C 197 -8.09 18.46 6.68
C GLU C 197 -7.30 17.75 5.57
N ALA C 198 -7.69 17.91 4.31
CA ALA C 198 -6.91 17.30 3.24
C ALA C 198 -5.48 17.82 3.24
N VAL C 199 -5.29 19.12 3.53
CA VAL C 199 -3.96 19.70 3.55
C VAL C 199 -3.15 19.13 4.73
N ARG C 200 -3.72 19.12 5.93
CA ARG C 200 -2.99 18.55 7.07
C ARG C 200 -2.59 17.11 6.79
N PHE C 201 -3.51 16.32 6.22
CA PHE C 201 -3.21 14.93 5.89
C PHE C 201 -2.06 14.83 4.90
N ALA C 202 -2.10 15.67 3.84
CA ALA C 202 -1.05 15.65 2.83
C ALA C 202 0.29 16.05 3.42
N ARG C 203 0.31 17.10 4.24
CA ARG C 203 1.54 17.55 4.85
C ARG C 203 2.10 16.50 5.80
N ASP C 204 1.23 15.92 6.64
CA ASP C 204 1.67 14.91 7.59
C ASP C 204 2.36 13.76 6.89
N MET C 205 2.07 13.58 5.62
CA MET C 205 2.52 12.49 4.80
C MET C 205 3.80 12.80 4.03
N GLY C 206 4.26 14.06 4.05
CA GLY C 206 5.44 14.47 3.34
C GLY C 206 5.20 15.23 2.04
N PHE C 207 3.95 15.55 1.69
CA PHE C 207 3.70 16.46 0.59
C PHE C 207 4.07 17.88 0.98
N GLY C 208 4.57 18.64 0.01
CA GLY C 208 4.91 20.02 0.28
C GLY C 208 3.77 21.00 0.06
N GLY C 209 2.75 20.61 -0.70
CA GLY C 209 1.66 21.52 -0.99
C GLY C 209 0.51 20.84 -1.70
N LEU C 210 -0.39 21.66 -2.24
CA LEU C 210 -1.55 21.15 -2.97
C LEU C 210 -1.77 21.89 -4.28
N LEU C 211 -2.10 21.14 -5.34
CA LEU C 211 -2.81 21.75 -6.45
C LEU C 211 -4.15 22.30 -5.96
N CYS C 212 -4.54 23.47 -6.45
CA CYS C 212 -5.81 24.05 -6.04
C CYS C 212 -6.51 24.65 -7.27
N ILE C 213 -7.79 25.00 -7.10
CA ILE C 213 -8.65 25.34 -8.23
C ILE C 213 -9.51 26.58 -8.00
N HIS C 214 -9.29 27.29 -6.90
CA HIS C 214 -10.02 28.53 -6.68
C HIS C 214 -9.11 29.40 -5.83
N PRO C 215 -8.99 30.69 -6.12
CA PRO C 215 -8.15 31.56 -5.27
C PRO C 215 -8.51 31.52 -3.79
N SER C 216 -9.78 31.28 -3.44
CA SER C 216 -10.17 31.27 -2.03
C SER C 216 -9.51 30.14 -1.25
N GLN C 217 -8.97 29.13 -1.93
CA GLN C 217 -8.32 28.03 -1.22
C GLN C 217 -6.90 28.36 -0.76
N VAL C 218 -6.29 29.43 -1.28
CA VAL C 218 -4.84 29.62 -1.09
C VAL C 218 -4.50 29.88 0.38
N GLU C 219 -5.15 30.90 0.98
CA GLU C 219 -4.94 31.19 2.41
C GLU C 219 -5.22 29.99 3.31
N PRO C 220 -6.31 29.24 3.16
CA PRO C 220 -6.47 28.04 4.00
C PRO C 220 -5.34 27.04 3.83
N ILE C 221 -4.86 26.84 2.61
CA ILE C 221 -3.75 25.91 2.41
C ILE C 221 -2.51 26.45 3.11
N HIS C 222 -2.15 27.69 2.85
CA HIS C 222 -0.92 28.24 3.41
C HIS C 222 -0.95 28.24 4.93
N GLN C 223 -2.09 28.61 5.54
CA GLN C 223 -2.12 28.60 7.00
C GLN C 223 -2.00 27.18 7.54
N THR C 224 -2.67 26.21 6.91
CA THR C 224 -2.67 24.86 7.44
C THR C 224 -1.29 24.24 7.34
N LEU C 225 -0.50 24.64 6.34
CA LEU C 225 0.84 24.10 6.18
C LEU C 225 1.83 24.67 7.20
N MET C 226 1.47 25.77 7.87
CA MET C 226 2.37 26.36 8.84
C MET C 226 2.53 25.42 10.04
N PRO C 227 3.74 25.32 10.60
CA PRO C 227 3.87 24.57 11.85
C PRO C 227 3.07 25.27 12.94
N SER C 228 2.33 24.50 13.72
CA SER C 228 1.55 25.06 14.81
C SER C 228 2.46 25.53 15.94
N PRO C 229 1.97 26.41 16.81
CA PRO C 229 2.70 26.70 18.04
C PRO C 229 3.12 25.45 18.80
N ALA C 230 2.25 24.44 18.86
CA ALA C 230 2.58 23.22 19.58
C ALA C 230 3.74 22.48 18.94
N GLU C 231 3.75 22.36 17.61
CA GLU C 231 4.87 21.70 16.94
C GLU C 231 6.18 22.49 17.14
N LEU C 232 6.13 23.82 17.02
CA LEU C 232 7.33 24.64 17.20
C LEU C 232 7.86 24.53 18.62
N GLU C 233 6.98 24.64 19.61
CA GLU C 233 7.43 24.55 21.00
C GLU C 233 7.99 23.17 21.30
N TRP C 234 7.39 22.13 20.72
CA TRP C 234 7.98 20.80 20.86
C TRP C 234 9.38 20.76 20.27
N ALA C 235 9.54 21.25 19.04
CA ALA C 235 10.84 21.23 18.38
C ALA C 235 11.89 22.01 19.16
N ARG C 236 11.50 23.15 19.75
CA ARG C 236 12.45 23.89 20.58
C ARG C 236 12.82 23.09 21.82
N ARG C 237 11.83 22.48 22.50
CA ARG C 237 12.15 21.64 23.65
C ARG C 237 13.07 20.49 23.27
N VAL C 238 12.79 19.81 22.17
CA VAL C 238 13.69 18.75 21.72
C VAL C 238 15.05 19.33 21.40
N ALA C 239 15.06 20.51 20.76
CA ALA C 239 16.34 21.16 20.47
C ALA C 239 17.08 21.50 21.76
N GLU C 240 16.41 21.94 22.84
CA GLU C 240 17.23 22.05 24.06
C GLU C 240 17.87 20.77 24.48
N ALA C 241 17.07 19.74 24.72
CA ALA C 241 17.65 18.62 25.45
C ALA C 241 18.78 18.00 24.65
N GLY C 242 18.76 18.16 23.33
CA GLY C 242 19.76 17.71 22.40
C GLY C 242 20.94 18.63 22.22
N ALA C 243 20.89 19.85 22.78
CA ALA C 243 21.97 20.81 22.56
C ALA C 243 23.22 20.39 23.34
N SER C 244 23.05 19.86 24.54
CA SER C 244 24.20 19.32 25.28
C SER C 244 24.96 18.30 24.43
N GLY C 245 24.25 17.61 23.52
CA GLY C 245 24.85 16.61 22.66
C GLY C 245 24.57 15.19 23.09
N ALA C 246 23.81 15.01 24.17
CA ALA C 246 23.59 13.70 24.76
C ALA C 246 22.94 12.76 23.75
N GLY C 247 23.22 11.46 23.91
CA GLY C 247 22.74 10.43 22.99
C GLY C 247 21.24 10.30 22.84
N VAL C 248 20.55 9.97 23.93
CA VAL C 248 19.11 9.74 23.88
C VAL C 248 18.49 10.25 25.16
N PHE C 249 17.34 10.89 25.04
CA PHE C 249 16.65 11.43 26.19
C PHE C 249 15.15 11.27 25.98
N VAL C 250 14.39 11.93 26.86
CA VAL C 250 12.93 11.86 26.85
C VAL C 250 12.39 13.27 26.86
N VAL C 251 11.35 13.49 26.08
CA VAL C 251 10.61 14.75 26.01
C VAL C 251 9.14 14.36 25.88
N ASP C 252 8.28 15.00 26.68
CA ASP C 252 6.84 14.74 26.62
C ASP C 252 6.55 13.26 26.79
N GLY C 253 7.35 12.55 27.60
CA GLY C 253 7.13 11.15 27.81
C GLY C 253 7.58 10.23 26.69
N GLU C 254 8.18 10.76 25.63
CA GLU C 254 8.61 9.96 24.49
C GLU C 254 10.13 9.92 24.38
N MET C 255 10.67 8.75 24.03
CA MET C 255 12.09 8.66 23.68
C MET C 255 12.40 9.60 22.54
N VAL C 256 13.53 10.30 22.65
CA VAL C 256 14.06 11.12 21.57
C VAL C 256 15.43 10.55 21.24
N ASP C 257 15.58 9.98 20.05
CA ASP C 257 16.89 9.56 19.57
C ASP C 257 17.29 10.43 18.37
N ALA C 258 18.40 10.09 17.72
CA ALA C 258 18.94 10.94 16.66
C ALA C 258 17.91 11.31 15.58
N PRO C 259 17.14 10.39 14.98
CA PRO C 259 16.15 10.82 13.98
C PRO C 259 15.10 11.79 14.51
N VAL C 260 14.68 11.67 15.77
CA VAL C 260 13.70 12.60 16.31
C VAL C 260 14.31 13.98 16.48
N LEU C 261 15.54 14.04 17.01
CA LEU C 261 16.27 15.29 17.11
C LEU C 261 16.50 15.89 15.73
N GLY C 262 16.83 15.05 14.76
CA GLY C 262 16.97 15.52 13.39
C GLY C 262 15.67 16.08 12.84
N ARG C 263 14.57 15.36 13.07
CA ARG C 263 13.27 15.85 12.59
C ARG C 263 12.93 17.20 13.22
N ALA C 264 13.20 17.36 14.52
CA ALA C 264 12.88 18.61 15.19
C ALA C 264 13.73 19.78 14.67
N ARG C 265 15.03 19.56 14.43
CA ARG C 265 15.89 20.64 13.93
C ARG C 265 15.47 21.07 12.54
N ARG C 266 15.07 20.12 11.69
CA ARG C 266 14.64 20.49 10.35
C ARG C 266 13.34 21.28 10.39
N LEU C 267 12.43 20.93 11.30
CA LEU C 267 11.21 21.70 11.47
C LEU C 267 11.55 23.13 11.85
N LEU C 268 12.46 23.31 12.81
CA LEU C 268 12.78 24.65 13.23
C LEU C 268 13.46 25.44 12.13
N GLU C 269 14.33 24.80 11.36
CA GLU C 269 15.01 25.58 10.33
C GLU C 269 14.05 25.91 9.18
N ARG C 270 13.13 25.01 8.83
CA ARG C 270 12.19 25.37 7.76
C ARG C 270 11.27 26.52 8.18
N ALA C 271 11.09 26.74 9.49
CA ALA C 271 10.28 27.83 9.98
C ALA C 271 11.09 29.10 10.21
N GLY C 272 12.35 29.11 9.81
CA GLY C 272 13.22 30.26 10.03
C GLY C 272 13.94 30.18 11.36
#